data_7HIK
#
_entry.id   7HIK
#
_cell.length_a   87.311
_cell.length_b   87.311
_cell.length_c   85.622
_cell.angle_alpha   90.00
_cell.angle_beta   90.00
_cell.angle_gamma   120.00
#
_symmetry.space_group_name_H-M   'P 31'
#
loop_
_entity.id
_entity.type
_entity.pdbx_description
1 polymer 'Non-structural protein 3'
2 non-polymer 'DIMETHYL SULFOXIDE'
3 non-polymer 2-AMINO-2-HYDROXYMETHYL-PROPANE-1,3-DIOL
4 non-polymer 'CHLORIDE ION'
5 non-polymer imidazolidin-2-one
6 non-polymer [1,2,4]triazolo[4,3-a]pyridin-3-amine
7 non-polymer '4-HYDROXY-BENZOIC ACID METHYL ESTER'
8 water water
#
_entity_poly.entity_id   1
_entity_poly.type   'polypeptide(L)'
_entity_poly.pdbx_seq_one_letter_code
;GAMAPSYRVKRMDIAKNDEECVVNAANPRGLPGDGVCKAVYKKWPESFKNSATPVGTAKTVMCGTYPVIHAVGPNFSNYT
ESEGDRELAAAYREVAKEVTRLGVNSVAIPLLSTGVYSGGKDRLTQSLNHLFTAMDSTDADVVIYCRDKEWEKKISEAIQ
MRT
;
_entity_poly.pdbx_strand_id   A,B,C,D
#
loop_
_chem_comp.id
_chem_comp.type
_chem_comp.name
_chem_comp.formula
CL non-polymer 'CHLORIDE ION' 'Cl -1'
DMS non-polymer 'DIMETHYL SULFOXIDE' 'C2 H6 O S'
MPB non-polymer '4-HYDROXY-BENZOIC ACID METHYL ESTER' 'C8 H8 O3'
TRS non-polymer 2-AMINO-2-HYDROXYMETHYL-PROPANE-1,3-DIOL 'C4 H12 N O3 1'
W3S non-polymer [1,2,4]triazolo[4,3-a]pyridin-3-amine 'C6 H6 N4'
XJV non-polymer imidazolidin-2-one 'C3 H6 N2 O'
#
# COMPACT_ATOMS: atom_id res chain seq x y z
N GLY A 1 -6.30 -21.54 -10.09
CA GLY A 1 -5.74 -21.44 -11.48
C GLY A 1 -6.54 -20.49 -12.37
N ALA A 2 -5.96 -20.09 -13.50
CA ALA A 2 -6.68 -19.29 -14.52
C ALA A 2 -7.69 -20.18 -15.22
N MET A 3 -8.82 -19.62 -15.68
CA MET A 3 -9.91 -20.41 -16.35
C MET A 3 -9.40 -21.01 -17.67
N ALA A 4 -8.59 -20.26 -18.41
CA ALA A 4 -8.01 -20.74 -19.70
C ALA A 4 -6.57 -20.26 -19.71
N PRO A 5 -5.65 -20.93 -18.97
CA PRO A 5 -4.28 -20.44 -18.83
C PRO A 5 -3.64 -20.03 -20.17
N SER A 6 -2.99 -18.87 -20.20
CA SER A 6 -2.50 -18.22 -21.45
C SER A 6 -1.10 -17.67 -21.25
N TYR A 7 -0.42 -17.38 -22.35
CA TYR A 7 0.80 -16.56 -22.39
C TYR A 7 0.47 -15.27 -23.14
N ARG A 8 0.97 -14.14 -22.65
CA ARG A 8 0.90 -12.84 -23.31
C ARG A 8 2.25 -12.15 -23.18
N VAL A 9 2.46 -11.18 -24.05
CA VAL A 9 3.68 -10.33 -23.93
C VAL A 9 3.26 -8.87 -23.91
N LYS A 10 3.93 -8.09 -23.09
CA LYS A 10 3.76 -6.62 -23.04
C LYS A 10 5.10 -5.92 -23.02
N ARG A 11 5.18 -4.81 -23.72
CA ARG A 11 6.39 -3.96 -23.82
C ARG A 11 6.19 -2.77 -22.91
N MET A 12 6.67 -2.89 -21.67
CA MET A 12 6.50 -1.85 -20.64
C MET A 12 7.32 -2.27 -19.43
N ASP A 13 7.44 -1.36 -18.47
CA ASP A 13 8.15 -1.58 -17.18
C ASP A 13 7.36 -2.62 -16.37
N ILE A 14 8.00 -3.73 -16.02
CA ILE A 14 7.40 -4.84 -15.20
C ILE A 14 6.99 -4.31 -13.81
N ALA A 15 7.59 -3.23 -13.31
CA ALA A 15 7.14 -2.57 -12.07
C ALA A 15 5.69 -2.02 -12.12
N LYS A 16 5.09 -1.93 -13.30
CA LYS A 16 3.71 -1.43 -13.53
C LYS A 16 2.79 -2.59 -13.94
N ASN A 17 3.20 -3.84 -13.66
CA ASN A 17 2.39 -5.02 -14.07
C ASN A 17 0.99 -5.02 -13.42
N ASP A 18 0.09 -5.73 -14.05
CA ASP A 18 -1.31 -5.98 -13.62
C ASP A 18 -1.50 -7.46 -13.22
N GLU A 19 -0.46 -8.11 -12.70
CA GLU A 19 -0.55 -9.53 -12.33
C GLU A 19 -0.50 -9.68 -10.80
N GLU A 20 -0.75 -10.89 -10.30
CA GLU A 20 -0.88 -11.16 -8.85
C GLU A 20 0.48 -11.32 -8.16
N CYS A 21 1.57 -11.46 -8.94
CA CYS A 21 2.94 -11.51 -8.41
C CYS A 21 3.93 -11.16 -9.54
N VAL A 22 5.17 -10.92 -9.15
CA VAL A 22 6.23 -10.48 -10.07
C VAL A 22 7.45 -11.35 -9.89
N VAL A 23 8.11 -11.65 -10.99
CA VAL A 23 9.44 -12.30 -10.93
C VAL A 23 10.49 -11.23 -11.16
N ASN A 24 11.40 -11.09 -10.21
CA ASN A 24 12.57 -10.19 -10.30
C ASN A 24 13.72 -10.92 -11.00
N ALA A 25 14.37 -10.26 -11.97
CA ALA A 25 15.65 -10.73 -12.56
C ALA A 25 16.75 -10.29 -11.58
N ALA A 26 16.88 -11.02 -10.47
CA ALA A 26 17.69 -10.63 -9.31
C ALA A 26 19.19 -10.92 -9.56
N ASN A 27 20.00 -10.29 -8.70
CA ASN A 27 21.41 -10.72 -8.52
C ASN A 27 21.49 -11.62 -7.31
N PRO A 28 22.55 -12.45 -7.20
CA PRO A 28 22.63 -13.38 -6.07
C PRO A 28 22.72 -12.76 -4.68
N ARG A 29 23.06 -11.48 -4.58
CA ARG A 29 23.33 -10.85 -3.27
C ARG A 29 22.20 -10.03 -2.76
N GLY A 30 21.07 -9.99 -3.48
CA GLY A 30 19.94 -9.18 -3.01
C GLY A 30 20.23 -7.70 -3.05
N LEU A 31 21.13 -7.25 -3.96
CA LEU A 31 21.44 -5.81 -4.11
C LEU A 31 20.44 -5.14 -5.04
N PRO A 32 20.24 -3.81 -4.93
CA PRO A 32 19.37 -3.07 -5.84
C PRO A 32 19.64 -3.33 -7.31
N GLY A 33 20.90 -3.48 -7.69
CA GLY A 33 21.27 -3.93 -9.04
C GLY A 33 20.96 -2.93 -10.16
N ASP A 34 20.69 -3.47 -11.35
CA ASP A 34 20.55 -2.75 -12.63
C ASP A 34 19.30 -3.24 -13.38
N GLY A 35 18.75 -2.42 -14.27
CA GLY A 35 17.68 -2.87 -15.20
C GLY A 35 16.40 -3.24 -14.48
N VAL A 36 15.85 -4.41 -14.78
CA VAL A 36 14.62 -4.90 -14.10
C VAL A 36 14.82 -4.87 -12.58
N CYS A 37 15.99 -5.31 -12.10
CA CYS A 37 16.22 -5.45 -10.64
C CYS A 37 16.06 -4.09 -9.95
N LYS A 38 16.56 -3.02 -10.57
CA LYS A 38 16.49 -1.67 -9.94
C LYS A 38 15.04 -1.15 -9.97
N ALA A 39 14.28 -1.47 -11.03
CA ALA A 39 12.86 -1.05 -11.13
C ALA A 39 12.09 -1.76 -10.02
N VAL A 40 12.39 -3.03 -9.79
CA VAL A 40 11.73 -3.87 -8.72
C VAL A 40 12.15 -3.29 -7.35
N TYR A 41 13.43 -2.90 -7.18
CA TYR A 41 13.88 -2.33 -5.90
C TYR A 41 13.14 -1.02 -5.56
N LYS A 42 12.93 -0.18 -6.57
CA LYS A 42 12.23 1.12 -6.39
C LYS A 42 10.75 0.90 -6.02
N LYS A 43 10.12 -0.14 -6.60
CA LYS A 43 8.66 -0.36 -6.45
C LYS A 43 8.37 -1.18 -5.19
N TRP A 44 9.21 -2.16 -4.85
CA TRP A 44 9.00 -3.13 -3.76
C TRP A 44 10.26 -3.26 -2.91
N PRO A 45 10.83 -2.17 -2.33
CA PRO A 45 12.09 -2.29 -1.60
C PRO A 45 12.06 -3.23 -0.40
N GLU A 46 10.88 -3.35 0.22
CA GLU A 46 10.69 -4.22 1.39
C GLU A 46 10.98 -5.68 0.99
N SER A 47 10.81 -6.02 -0.29
CA SER A 47 10.96 -7.42 -0.76
C SER A 47 12.44 -7.78 -0.82
N PHE A 48 13.35 -6.86 -0.54
CA PHE A 48 14.78 -7.21 -0.56
C PHE A 48 15.35 -7.55 0.81
N LYS A 49 14.50 -7.72 1.81
CA LYS A 49 14.92 -8.30 3.10
C LYS A 49 15.28 -9.78 2.99
N ASN A 50 16.55 -10.10 3.14
CA ASN A 50 17.01 -11.50 3.08
C ASN A 50 16.58 -12.12 1.75
N SER A 51 16.79 -11.38 0.68
CA SER A 51 16.47 -11.94 -0.67
C SER A 51 17.67 -12.62 -1.36
N ALA A 52 18.89 -12.50 -0.86
CA ALA A 52 20.06 -13.16 -1.46
C ALA A 52 19.82 -14.66 -1.61
N THR A 53 20.18 -15.22 -2.76
CA THR A 53 19.94 -16.63 -3.09
C THR A 53 20.92 -17.01 -4.20
N PRO A 54 21.33 -18.27 -4.32
CA PRO A 54 22.32 -18.66 -5.32
C PRO A 54 21.83 -18.56 -6.75
N VAL A 55 22.77 -18.63 -7.69
CA VAL A 55 22.43 -18.74 -9.13
C VAL A 55 21.61 -20.02 -9.35
N GLY A 56 20.61 -19.95 -10.24
CA GLY A 56 19.80 -21.13 -10.59
C GLY A 56 18.63 -21.36 -9.61
N THR A 57 18.42 -20.48 -8.64
CA THR A 57 17.36 -20.58 -7.62
C THR A 57 16.44 -19.39 -7.63
N ALA A 58 15.31 -19.52 -6.92
CA ALA A 58 14.36 -18.43 -6.73
C ALA A 58 13.94 -18.40 -5.27
N LYS A 59 13.83 -17.21 -4.73
CA LYS A 59 13.46 -16.98 -3.32
C LYS A 59 12.37 -15.94 -3.31
N THR A 60 11.21 -16.25 -2.69
CA THR A 60 10.07 -15.31 -2.63
C THR A 60 10.13 -14.53 -1.32
N VAL A 61 9.93 -13.24 -1.41
CA VAL A 61 9.80 -12.31 -0.27
C VAL A 61 8.56 -11.47 -0.52
N MET A 62 7.67 -11.39 0.48
N MET A 62 7.69 -11.39 0.48
CA MET A 62 6.41 -10.62 0.40
CA MET A 62 6.45 -10.59 0.43
C MET A 62 6.68 -9.14 0.61
C MET A 62 6.79 -9.10 0.55
N CYS A 63 6.05 -8.27 -0.21
CA CYS A 63 5.99 -6.82 0.02
C CYS A 63 4.53 -6.55 0.39
N GLY A 64 4.21 -6.45 1.68
CA GLY A 64 2.78 -6.50 2.07
C GLY A 64 2.26 -7.87 1.84
N THR A 65 1.22 -8.05 1.04
CA THR A 65 0.73 -9.35 0.59
C THR A 65 1.12 -9.64 -0.86
N TYR A 66 1.90 -8.77 -1.49
CA TYR A 66 2.27 -8.95 -2.93
C TYR A 66 3.59 -9.73 -3.04
N PRO A 67 3.62 -10.93 -3.66
CA PRO A 67 4.86 -11.74 -3.70
C PRO A 67 5.85 -11.29 -4.77
N VAL A 68 7.11 -11.13 -4.35
CA VAL A 68 8.24 -10.83 -5.30
C VAL A 68 9.06 -12.11 -5.31
N ILE A 69 9.16 -12.79 -6.47
CA ILE A 69 9.94 -14.03 -6.62
C ILE A 69 11.29 -13.57 -7.20
N HIS A 70 12.32 -13.58 -6.39
CA HIS A 70 13.71 -13.25 -6.82
C HIS A 70 14.36 -14.44 -7.51
N ALA A 71 14.48 -14.40 -8.83
CA ALA A 71 15.00 -15.51 -9.67
C ALA A 71 16.40 -15.07 -10.18
N VAL A 72 17.40 -15.86 -9.85
CA VAL A 72 18.84 -15.53 -10.19
C VAL A 72 19.31 -16.35 -11.40
N GLY A 73 19.32 -15.72 -12.56
CA GLY A 73 19.87 -16.29 -13.78
C GLY A 73 21.40 -16.15 -13.74
N PRO A 74 22.11 -16.99 -14.49
CA PRO A 74 23.57 -16.90 -14.61
C PRO A 74 24.02 -15.70 -15.42
N ASN A 75 25.17 -15.14 -15.03
CA ASN A 75 25.89 -14.12 -15.83
C ASN A 75 26.78 -14.85 -16.83
N PHE A 76 26.45 -14.80 -18.12
CA PHE A 76 27.15 -15.56 -19.18
C PHE A 76 28.57 -14.99 -19.40
N SER A 77 28.91 -13.86 -18.78
CA SER A 77 30.33 -13.39 -18.74
C SER A 77 31.17 -14.37 -17.90
N ASN A 78 30.57 -15.03 -16.91
CA ASN A 78 31.32 -15.87 -15.95
C ASN A 78 31.16 -17.34 -16.22
N TYR A 79 29.96 -17.76 -16.62
CA TYR A 79 29.68 -19.18 -16.87
C TYR A 79 30.05 -19.53 -18.32
N THR A 80 30.42 -20.79 -18.54
CA THR A 80 30.49 -21.43 -19.88
C THR A 80 29.08 -21.45 -20.49
N GLU A 81 28.98 -21.45 -21.82
CA GLU A 81 27.67 -21.59 -22.52
C GLU A 81 26.92 -22.82 -21.96
N SER A 82 27.61 -23.93 -21.72
CA SER A 82 27.01 -25.20 -21.24
C SER A 82 26.48 -25.04 -19.81
N GLU A 83 27.31 -24.54 -18.90
CA GLU A 83 26.92 -24.46 -17.49
C GLU A 83 25.85 -23.36 -17.33
N GLY A 84 25.99 -22.29 -18.07
CA GLY A 84 25.06 -21.16 -18.05
C GLY A 84 23.68 -21.64 -18.49
N ASP A 85 23.64 -22.43 -19.55
CA ASP A 85 22.38 -22.93 -20.10
C ASP A 85 21.70 -23.76 -19.02
N ARG A 86 22.43 -24.60 -18.28
CA ARG A 86 21.86 -25.45 -17.23
C ARG A 86 21.32 -24.59 -16.08
N GLU A 87 22.04 -23.56 -15.68
CA GLU A 87 21.57 -22.74 -14.53
C GLU A 87 20.36 -21.88 -14.97
N LEU A 88 20.33 -21.43 -16.21
CA LEU A 88 19.22 -20.59 -16.70
C LEU A 88 17.92 -21.43 -16.70
N ALA A 89 17.99 -22.65 -17.21
CA ALA A 89 16.87 -23.62 -17.13
C ALA A 89 16.45 -23.85 -15.68
N ALA A 90 17.39 -24.05 -14.75
CA ALA A 90 17.11 -24.35 -13.36
C ALA A 90 16.38 -23.14 -12.71
N ALA A 91 16.85 -21.91 -12.94
CA ALA A 91 16.19 -20.73 -12.34
C ALA A 91 14.69 -20.73 -12.69
N TYR A 92 14.34 -20.97 -13.95
CA TYR A 92 12.92 -20.97 -14.39
C TYR A 92 12.17 -22.13 -13.73
N ARG A 93 12.77 -23.32 -13.59
CA ARG A 93 12.08 -24.44 -12.88
C ARG A 93 11.73 -24.00 -11.45
N GLU A 94 12.64 -23.29 -10.76
CA GLU A 94 12.40 -22.82 -9.36
C GLU A 94 11.29 -21.76 -9.37
N VAL A 95 11.20 -20.92 -10.41
CA VAL A 95 10.09 -19.93 -10.53
C VAL A 95 8.76 -20.70 -10.62
N ALA A 96 8.68 -21.74 -11.43
CA ALA A 96 7.42 -22.52 -11.59
C ALA A 96 6.98 -23.10 -10.23
N LYS A 97 7.92 -23.63 -9.44
CA LYS A 97 7.62 -24.19 -8.11
C LYS A 97 7.04 -23.07 -7.24
N GLU A 98 7.66 -21.88 -7.23
CA GLU A 98 7.18 -20.79 -6.36
C GLU A 98 5.78 -20.32 -6.76
N VAL A 99 5.57 -20.11 -8.06
CA VAL A 99 4.28 -19.64 -8.59
C VAL A 99 3.22 -20.66 -8.14
N THR A 100 3.55 -21.95 -8.25
CA THR A 100 2.56 -23.01 -7.89
C THR A 100 2.28 -22.95 -6.38
N ARG A 101 3.32 -22.85 -5.56
CA ARG A 101 3.23 -22.82 -4.09
C ARG A 101 2.36 -21.64 -3.65
N LEU A 102 2.48 -20.48 -4.28
CA LEU A 102 1.82 -19.25 -3.87
C LEU A 102 0.31 -19.33 -4.20
N GLY A 103 -0.08 -20.13 -5.19
CA GLY A 103 -1.49 -20.30 -5.57
C GLY A 103 -2.00 -19.08 -6.32
N VAL A 104 -1.12 -18.28 -6.95
CA VAL A 104 -1.54 -17.12 -7.75
C VAL A 104 -2.22 -17.57 -9.05
N ASN A 105 -3.10 -16.74 -9.60
CA ASN A 105 -3.71 -17.00 -10.90
C ASN A 105 -3.00 -16.29 -12.06
N SER A 106 -2.01 -15.46 -11.75
CA SER A 106 -1.25 -14.70 -12.79
C SER A 106 0.14 -14.33 -12.25
N VAL A 107 1.11 -14.17 -13.16
CA VAL A 107 2.51 -13.83 -12.81
C VAL A 107 3.12 -13.00 -13.95
N ALA A 108 3.84 -11.94 -13.59
CA ALA A 108 4.62 -11.06 -14.49
C ALA A 108 6.07 -11.58 -14.51
N ILE A 109 6.63 -11.84 -15.68
N ILE A 109 6.62 -11.92 -15.68
CA ILE A 109 7.98 -12.48 -15.76
CA ILE A 109 7.98 -12.55 -15.77
C ILE A 109 8.83 -11.78 -16.81
C ILE A 109 8.83 -11.83 -16.82
N PRO A 110 10.10 -11.44 -16.49
CA PRO A 110 11.04 -10.95 -17.48
C PRO A 110 11.84 -12.11 -18.11
N LEU A 111 12.56 -11.85 -19.20
CA LEU A 111 13.45 -12.90 -19.80
C LEU A 111 14.80 -12.86 -19.06
N LEU A 112 15.00 -13.84 -18.18
CA LEU A 112 16.22 -13.96 -17.37
C LEU A 112 17.45 -14.06 -18.28
N SER A 113 18.53 -13.42 -17.83
CA SER A 113 19.89 -13.46 -18.44
C SER A 113 19.92 -12.85 -19.86
N THR A 114 18.99 -11.96 -20.24
CA THR A 114 18.97 -11.36 -21.60
C THR A 114 19.50 -9.93 -21.60
N GLY A 115 19.70 -9.33 -20.42
CA GLY A 115 20.22 -7.96 -20.24
C GLY A 115 21.71 -7.97 -19.92
N VAL A 116 22.10 -7.37 -18.80
CA VAL A 116 23.55 -7.24 -18.45
C VAL A 116 24.18 -8.60 -18.15
N TYR A 117 23.42 -9.66 -17.92
CA TYR A 117 23.97 -11.04 -17.73
C TYR A 117 24.06 -11.87 -19.03
N SER A 118 23.81 -11.26 -20.20
CA SER A 118 23.74 -11.96 -21.51
C SER A 118 25.14 -12.31 -22.03
N GLY A 119 26.22 -11.76 -21.46
CA GLY A 119 27.58 -11.90 -22.02
C GLY A 119 27.66 -11.34 -23.43
N GLY A 120 26.87 -10.30 -23.72
CA GLY A 120 26.88 -9.55 -24.99
C GLY A 120 26.24 -10.31 -26.13
N LYS A 121 25.38 -11.30 -25.86
CA LYS A 121 24.74 -12.12 -26.92
C LYS A 121 23.21 -11.94 -26.85
N ASP A 122 22.55 -12.17 -27.97
CA ASP A 122 21.07 -12.21 -28.10
C ASP A 122 20.62 -13.57 -27.59
N ARG A 123 19.92 -13.61 -26.44
CA ARG A 123 19.46 -14.87 -25.78
C ARG A 123 17.93 -14.89 -25.68
N LEU A 124 17.21 -14.14 -26.53
CA LEU A 124 15.72 -14.12 -26.52
C LEU A 124 15.22 -15.57 -26.61
N THR A 125 15.58 -16.31 -27.66
CA THR A 125 15.03 -17.66 -27.93
C THR A 125 15.44 -18.62 -26.81
N GLN A 126 16.70 -18.58 -26.40
CA GLN A 126 17.24 -19.50 -25.36
C GLN A 126 16.44 -19.30 -24.06
N SER A 127 16.29 -18.05 -23.65
CA SER A 127 15.68 -17.71 -22.33
C SER A 127 14.17 -18.01 -22.39
N LEU A 128 13.51 -17.57 -23.47
CA LEU A 128 12.05 -17.80 -23.69
C LEU A 128 11.75 -19.29 -23.72
N ASN A 129 12.60 -20.12 -24.33
CA ASN A 129 12.29 -21.55 -24.45
C ASN A 129 12.43 -22.19 -23.07
N HIS A 130 13.39 -21.75 -22.26
CA HIS A 130 13.50 -22.26 -20.88
C HIS A 130 12.30 -21.81 -20.02
N LEU A 131 11.81 -20.60 -20.27
CA LEU A 131 10.59 -20.08 -19.59
C LEU A 131 9.42 -21.03 -19.91
N PHE A 132 9.20 -21.33 -21.19
CA PHE A 132 8.10 -22.23 -21.63
C PHE A 132 8.26 -23.60 -20.98
N THR A 133 9.47 -24.19 -21.01
CA THR A 133 9.71 -25.54 -20.45
C THR A 133 9.21 -25.63 -19.01
N ALA A 134 9.50 -24.59 -18.23
CA ALA A 134 9.17 -24.53 -16.79
C ALA A 134 7.68 -24.24 -16.60
N MET A 135 7.14 -23.26 -17.33
CA MET A 135 5.83 -22.69 -17.00
C MET A 135 4.68 -23.46 -17.69
N ASP A 136 5.00 -24.30 -18.66
CA ASP A 136 3.91 -24.94 -19.47
C ASP A 136 3.04 -25.82 -18.59
N SER A 137 3.58 -26.36 -17.50
CA SER A 137 2.81 -27.27 -16.62
C SER A 137 2.11 -26.51 -15.50
N THR A 138 2.23 -25.17 -15.43
CA THR A 138 1.53 -24.36 -14.41
C THR A 138 0.22 -23.88 -15.04
N ASP A 139 -0.77 -23.50 -14.21
CA ASP A 139 -2.04 -22.96 -14.76
C ASP A 139 -2.19 -21.47 -14.48
N ALA A 140 -1.11 -20.78 -14.10
CA ALA A 140 -1.17 -19.31 -14.00
C ALA A 140 -1.18 -18.67 -15.40
N ASP A 141 -1.91 -17.56 -15.56
CA ASP A 141 -1.73 -16.66 -16.72
C ASP A 141 -0.32 -16.06 -16.62
N VAL A 142 0.49 -16.25 -17.66
CA VAL A 142 1.89 -15.73 -17.65
C VAL A 142 1.93 -14.52 -18.58
N VAL A 143 2.39 -13.40 -18.07
CA VAL A 143 2.60 -12.19 -18.89
C VAL A 143 4.10 -11.87 -18.87
N ILE A 144 4.72 -11.97 -20.05
CA ILE A 144 6.18 -11.77 -20.27
C ILE A 144 6.40 -10.29 -20.56
N TYR A 145 7.35 -9.66 -19.85
CA TYR A 145 7.63 -8.21 -19.99
C TYR A 145 8.94 -8.04 -20.76
N CYS A 146 8.94 -7.13 -21.72
CA CYS A 146 10.16 -6.76 -22.47
C CYS A 146 10.18 -5.23 -22.68
N ARG A 147 11.30 -4.68 -23.18
CA ARG A 147 11.34 -3.21 -23.43
C ARG A 147 11.56 -2.83 -24.91
N ASP A 148 12.09 -3.76 -25.71
CA ASP A 148 12.48 -3.50 -27.13
C ASP A 148 11.32 -3.86 -28.07
N LYS A 149 11.04 -2.99 -29.05
CA LYS A 149 9.95 -3.25 -30.02
C LYS A 149 10.12 -4.52 -30.84
N GLU A 150 11.33 -4.83 -31.29
CA GLU A 150 11.56 -6.04 -32.12
C GLU A 150 11.50 -7.29 -31.25
N TRP A 151 11.93 -7.20 -29.99
CA TRP A 151 11.78 -8.30 -28.99
C TRP A 151 10.28 -8.59 -28.77
N GLU A 152 9.43 -7.58 -28.63
CA GLU A 152 7.96 -7.76 -28.45
C GLU A 152 7.42 -8.58 -29.63
N LYS A 153 7.77 -8.21 -30.86
CA LYS A 153 7.28 -8.89 -32.08
C LYS A 153 7.78 -10.35 -32.08
N LYS A 154 9.05 -10.61 -31.72
CA LYS A 154 9.60 -11.97 -31.74
C LYS A 154 9.00 -12.84 -30.64
N ILE A 155 8.77 -12.27 -29.46
CA ILE A 155 8.10 -13.01 -28.36
C ILE A 155 6.65 -13.35 -28.73
N SER A 156 5.93 -12.38 -29.30
CA SER A 156 4.52 -12.55 -29.73
C SER A 156 4.43 -13.67 -30.76
N GLU A 157 5.32 -13.67 -31.75
CA GLU A 157 5.37 -14.70 -32.83
C GLU A 157 5.61 -16.09 -32.23
N ALA A 158 6.52 -16.21 -31.26
CA ALA A 158 6.87 -17.49 -30.60
C ALA A 158 5.64 -18.00 -29.85
N ILE A 159 4.90 -17.13 -29.16
CA ILE A 159 3.67 -17.55 -28.44
C ILE A 159 2.65 -18.06 -29.46
N GLN A 160 2.43 -17.31 -30.54
CA GLN A 160 1.36 -17.62 -31.53
C GLN A 160 1.72 -18.90 -32.29
N MET A 161 3.00 -19.15 -32.54
CA MET A 161 3.49 -20.36 -33.27
C MET A 161 2.98 -21.63 -32.58
N ARG A 162 2.89 -21.63 -31.25
CA ARG A 162 2.49 -22.82 -30.45
C ARG A 162 0.96 -22.93 -30.34
N THR A 163 0.21 -21.85 -30.64
CA THR A 163 -1.27 -21.77 -30.50
C THR A 163 -1.94 -22.22 -31.82
N GLY B 1 -26.57 2.73 -22.02
CA GLY B 1 -26.56 4.12 -21.48
C GLY B 1 -26.79 4.15 -19.99
N ALA B 2 -26.62 5.33 -19.37
CA ALA B 2 -26.93 5.58 -17.94
C ALA B 2 -28.45 5.77 -17.81
N MET B 3 -29.06 5.25 -16.73
CA MET B 3 -30.54 5.24 -16.55
C MET B 3 -31.08 6.68 -16.60
N ALA B 4 -30.34 7.61 -16.02
CA ALA B 4 -30.60 9.07 -16.07
C ALA B 4 -29.26 9.76 -16.33
N PRO B 5 -28.86 9.90 -17.62
CA PRO B 5 -27.55 10.45 -17.97
C PRO B 5 -27.29 11.77 -17.23
N SER B 6 -26.13 11.90 -16.59
CA SER B 6 -25.79 13.05 -15.72
C SER B 6 -24.40 13.57 -16.08
N TYR B 7 -24.09 14.79 -15.60
CA TYR B 7 -22.72 15.34 -15.50
C TYR B 7 -22.39 15.47 -13.99
N ARG B 8 -21.16 15.10 -13.63
CA ARG B 8 -20.61 15.22 -12.25
C ARG B 8 -19.17 15.74 -12.33
N VAL B 9 -18.71 16.47 -11.31
CA VAL B 9 -17.28 16.92 -11.23
C VAL B 9 -16.62 16.30 -9.98
N LYS B 10 -15.39 15.82 -10.14
CA LYS B 10 -14.53 15.33 -9.05
C LYS B 10 -13.19 16.08 -9.10
N ARG B 11 -12.77 16.64 -7.97
CA ARG B 11 -11.43 17.28 -7.82
C ARG B 11 -10.48 16.22 -7.26
N MET B 12 -9.85 15.44 -8.14
CA MET B 12 -8.93 14.34 -7.74
C MET B 12 -8.16 13.87 -8.97
N ASP B 13 -7.23 12.93 -8.80
CA ASP B 13 -6.42 12.35 -9.89
C ASP B 13 -7.37 11.65 -10.87
N ILE B 14 -7.41 12.13 -12.12
CA ILE B 14 -8.05 11.47 -13.28
C ILE B 14 -7.76 9.96 -13.25
N ALA B 15 -6.49 9.58 -13.02
CA ALA B 15 -5.97 8.19 -13.20
C ALA B 15 -6.57 7.22 -12.17
N LYS B 16 -7.14 7.72 -11.08
CA LYS B 16 -7.84 6.90 -10.05
C LYS B 16 -9.36 6.93 -10.27
N ASN B 17 -9.83 7.18 -11.50
CA ASN B 17 -11.28 7.30 -11.79
C ASN B 17 -11.98 5.96 -11.56
N ASP B 18 -13.26 6.02 -11.19
CA ASP B 18 -14.17 4.85 -11.02
C ASP B 18 -15.22 4.87 -12.14
N GLU B 19 -14.83 5.22 -13.38
CA GLU B 19 -15.71 5.19 -14.59
C GLU B 19 -15.25 4.08 -15.53
N GLU B 20 -16.04 3.80 -16.57
CA GLU B 20 -15.87 2.62 -17.46
C GLU B 20 -14.81 2.90 -18.54
N CYS B 21 -14.34 4.16 -18.64
CA CYS B 21 -13.23 4.53 -19.56
C CYS B 21 -12.72 5.93 -19.21
N VAL B 22 -11.56 6.29 -19.77
CA VAL B 22 -10.88 7.56 -19.44
C VAL B 22 -10.51 8.24 -20.76
N VAL B 23 -10.61 9.56 -20.74
CA VAL B 23 -10.11 10.45 -21.82
C VAL B 23 -8.77 11.02 -21.33
N ASN B 24 -7.71 10.72 -22.07
CA ASN B 24 -6.36 11.29 -21.86
C ASN B 24 -6.27 12.63 -22.60
N ALA B 25 -5.74 13.66 -21.95
CA ALA B 25 -5.40 14.95 -22.59
C ALA B 25 -4.03 14.71 -23.24
N ALA B 26 -4.03 14.10 -24.40
CA ALA B 26 -2.84 13.54 -25.08
C ALA B 26 -2.05 14.63 -25.83
N ASN B 27 -0.79 14.31 -26.12
CA ASN B 27 -0.03 15.05 -27.15
C ASN B 27 -0.14 14.30 -28.46
N PRO B 28 0.18 14.90 -29.62
CA PRO B 28 -0.01 14.27 -30.91
C PRO B 28 0.89 13.04 -31.18
N ARG B 29 1.97 12.89 -30.41
CA ARG B 29 3.03 11.93 -30.74
C ARG B 29 2.95 10.73 -29.81
N GLY B 30 1.98 10.68 -28.88
CA GLY B 30 1.89 9.58 -27.91
C GLY B 30 3.05 9.52 -26.94
N LEU B 31 3.60 10.68 -26.58
CA LEU B 31 4.67 10.76 -25.56
C LEU B 31 4.05 10.84 -24.19
N PRO B 32 4.81 10.52 -23.13
CA PRO B 32 4.33 10.65 -21.76
C PRO B 32 3.82 12.03 -21.30
N GLY B 33 4.44 13.09 -21.78
CA GLY B 33 3.88 14.46 -21.62
C GLY B 33 3.85 14.99 -20.21
N ASP B 34 2.90 15.87 -19.92
CA ASP B 34 2.79 16.61 -18.62
C ASP B 34 1.37 16.47 -18.05
N GLY B 35 1.20 16.86 -16.78
CA GLY B 35 -0.12 16.94 -16.15
C GLY B 35 -0.91 15.65 -16.25
N VAL B 36 -2.17 15.75 -16.69
CA VAL B 36 -3.04 14.58 -16.91
C VAL B 36 -2.36 13.46 -17.70
N CYS B 37 -1.71 13.80 -18.81
CA CYS B 37 -1.07 12.83 -19.73
C CYS B 37 -0.02 12.01 -18.98
N LYS B 38 0.78 12.68 -18.14
CA LYS B 38 1.84 12.02 -17.33
C LYS B 38 1.15 11.06 -16.35
N ALA B 39 0.10 11.53 -15.66
CA ALA B 39 -0.70 10.75 -14.69
C ALA B 39 -1.25 9.49 -15.38
N VAL B 40 -1.70 9.63 -16.63
CA VAL B 40 -2.25 8.51 -17.46
C VAL B 40 -1.12 7.59 -17.92
N TYR B 41 0.04 8.12 -18.28
CA TYR B 41 1.21 7.28 -18.70
C TYR B 41 1.72 6.45 -17.51
N LYS B 42 1.56 6.99 -16.29
CA LYS B 42 2.02 6.40 -15.01
C LYS B 42 1.02 5.36 -14.48
N LYS B 43 -0.29 5.56 -14.67
CA LYS B 43 -1.32 4.55 -14.28
C LYS B 43 -1.49 3.50 -15.38
N TRP B 44 -1.62 3.94 -16.64
CA TRP B 44 -1.88 3.03 -17.80
C TRP B 44 -0.83 3.21 -18.90
N PRO B 45 0.48 2.98 -18.62
CA PRO B 45 1.50 3.07 -19.67
C PRO B 45 1.19 2.21 -20.90
N GLU B 46 0.54 1.06 -20.69
CA GLU B 46 0.17 0.13 -21.79
C GLU B 46 -0.66 0.87 -22.84
N SER B 47 -1.43 1.91 -22.45
CA SER B 47 -2.37 2.62 -23.37
C SER B 47 -1.69 3.56 -24.38
N PHE B 48 -0.33 3.61 -24.52
CA PHE B 48 0.41 4.52 -25.44
C PHE B 48 0.97 3.79 -26.64
N LYS B 49 0.76 2.48 -26.76
CA LYS B 49 1.21 1.78 -27.98
C LYS B 49 0.41 2.31 -29.16
N ASN B 50 1.10 2.91 -30.11
CA ASN B 50 0.56 3.47 -31.37
C ASN B 50 -0.55 4.47 -31.02
N SER B 51 -0.40 5.27 -29.97
CA SER B 51 -1.46 6.26 -29.58
C SER B 51 -1.31 7.60 -30.36
N ALA B 52 -0.22 7.83 -31.09
CA ALA B 52 -0.05 9.11 -31.85
C ALA B 52 -1.22 9.36 -32.81
N THR B 53 -1.71 10.59 -32.86
CA THR B 53 -2.89 11.01 -33.68
C THR B 53 -2.87 12.53 -33.78
N PRO B 54 -3.41 13.11 -34.87
CA PRO B 54 -3.38 14.54 -35.09
C PRO B 54 -4.18 15.37 -34.10
N VAL B 55 -3.83 16.66 -34.05
CA VAL B 55 -4.61 17.64 -33.27
C VAL B 55 -6.05 17.59 -33.78
N GLY B 56 -6.98 17.67 -32.85
CA GLY B 56 -8.42 17.74 -33.17
C GLY B 56 -9.02 16.36 -33.36
N THR B 57 -8.28 15.28 -33.00
CA THR B 57 -8.74 13.88 -33.12
C THR B 57 -8.58 13.12 -31.81
N ALA B 58 -9.27 11.98 -31.74
CA ALA B 58 -9.17 11.06 -30.60
C ALA B 58 -8.91 9.66 -31.13
N LYS B 59 -8.05 8.91 -30.43
CA LYS B 59 -7.66 7.54 -30.81
C LYS B 59 -7.73 6.68 -29.55
N THR B 60 -8.50 5.58 -29.59
CA THR B 60 -8.73 4.75 -28.38
C THR B 60 -7.75 3.58 -28.43
N VAL B 61 -7.11 3.32 -27.30
CA VAL B 61 -6.23 2.13 -27.10
C VAL B 61 -6.74 1.41 -25.87
N MET B 62 -6.81 0.08 -25.85
CA MET B 62 -7.22 -0.63 -24.59
C MET B 62 -6.03 -0.82 -23.63
N CYS B 63 -6.28 -0.67 -22.33
CA CYS B 63 -5.42 -1.17 -21.24
C CYS B 63 -6.13 -2.33 -20.54
N GLY B 64 -5.88 -3.56 -21.01
CA GLY B 64 -6.73 -4.75 -20.74
C GLY B 64 -8.15 -4.52 -21.22
N THR B 65 -9.11 -4.43 -20.29
CA THR B 65 -10.56 -4.20 -20.55
C THR B 65 -10.97 -2.75 -20.28
N TYR B 66 -10.01 -1.82 -20.10
CA TYR B 66 -10.26 -0.37 -19.83
C TYR B 66 -9.86 0.48 -21.04
N PRO B 67 -10.81 1.00 -21.90
CA PRO B 67 -10.48 1.94 -22.98
C PRO B 67 -9.91 3.28 -22.50
N VAL B 68 -8.74 3.62 -23.07
CA VAL B 68 -8.09 4.95 -22.92
C VAL B 68 -8.30 5.69 -24.24
N ILE B 69 -9.05 6.79 -24.17
CA ILE B 69 -9.37 7.60 -25.38
C ILE B 69 -8.39 8.81 -25.42
N HIS B 70 -7.43 8.75 -26.31
CA HIS B 70 -6.36 9.81 -26.40
C HIS B 70 -6.94 10.94 -27.24
N ALA B 71 -7.28 12.03 -26.60
CA ALA B 71 -7.88 13.19 -27.30
C ALA B 71 -6.83 14.33 -27.36
N VAL B 72 -6.54 14.79 -28.57
CA VAL B 72 -5.43 15.78 -28.76
C VAL B 72 -6.05 17.17 -28.95
N GLY B 73 -6.07 17.96 -27.91
CA GLY B 73 -6.45 19.36 -28.03
C GLY B 73 -5.26 20.18 -28.52
N PRO B 74 -5.53 21.38 -29.04
CA PRO B 74 -4.48 22.24 -29.62
C PRO B 74 -3.65 22.84 -28.49
N ASN B 75 -2.36 23.11 -28.83
CA ASN B 75 -1.49 23.97 -28.00
C ASN B 75 -1.70 25.43 -28.46
N PHE B 76 -2.31 26.23 -27.63
CA PHE B 76 -2.60 27.66 -27.92
C PHE B 76 -1.28 28.46 -27.94
N SER B 77 -0.12 27.93 -27.53
CA SER B 77 1.18 28.60 -27.82
C SER B 77 1.40 28.61 -29.34
N ASN B 78 0.86 27.63 -30.06
CA ASN B 78 1.16 27.37 -31.49
C ASN B 78 0.01 27.77 -32.42
N TYR B 79 -1.23 27.52 -31.98
CA TYR B 79 -2.47 27.82 -32.76
C TYR B 79 -2.92 29.25 -32.44
N THR B 80 -3.50 29.95 -33.42
CA THR B 80 -4.25 31.19 -33.15
C THR B 80 -5.50 30.88 -32.33
N GLU B 81 -6.07 31.88 -31.70
CA GLU B 81 -7.36 31.76 -30.97
C GLU B 81 -8.40 31.15 -31.90
N SER B 82 -8.49 31.62 -33.15
CA SER B 82 -9.50 31.13 -34.11
C SER B 82 -9.27 29.64 -34.45
N GLU B 83 -8.04 29.30 -34.85
CA GLU B 83 -7.78 27.94 -35.35
C GLU B 83 -7.81 26.96 -34.15
N GLY B 84 -7.33 27.37 -33.00
CA GLY B 84 -7.33 26.58 -31.73
C GLY B 84 -8.75 26.30 -31.30
N ASP B 85 -9.64 27.27 -31.43
CA ASP B 85 -11.04 27.08 -30.95
C ASP B 85 -11.68 25.99 -31.80
N ARG B 86 -11.39 25.95 -33.10
CA ARG B 86 -11.99 24.97 -34.01
C ARG B 86 -11.45 23.58 -33.63
N GLU B 87 -10.13 23.47 -33.41
CA GLU B 87 -9.50 22.15 -33.14
C GLU B 87 -9.96 21.64 -31.78
N LEU B 88 -10.14 22.53 -30.81
CA LEU B 88 -10.59 22.11 -29.46
C LEU B 88 -12.03 21.59 -29.55
N ALA B 89 -12.93 22.26 -30.25
CA ALA B 89 -14.28 21.73 -30.53
C ALA B 89 -14.21 20.35 -31.20
N ALA B 90 -13.33 20.20 -32.19
CA ALA B 90 -13.18 18.97 -32.98
C ALA B 90 -12.75 17.81 -32.08
N ALA B 91 -11.77 18.03 -31.19
CA ALA B 91 -11.23 16.95 -30.33
C ALA B 91 -12.40 16.40 -29.51
N TYR B 92 -13.22 17.29 -28.92
CA TYR B 92 -14.35 16.85 -28.08
C TYR B 92 -15.40 16.13 -28.95
N ARG B 93 -15.67 16.58 -30.18
CA ARG B 93 -16.62 15.84 -31.06
C ARG B 93 -16.11 14.42 -31.31
N GLU B 94 -14.80 14.22 -31.48
N GLU B 94 -14.80 14.23 -31.46
CA GLU B 94 -14.22 12.86 -31.67
CA GLU B 94 -14.24 12.87 -31.70
C GLU B 94 -14.38 12.03 -30.39
C GLU B 94 -14.35 12.03 -30.41
N VAL B 95 -14.23 12.64 -29.22
CA VAL B 95 -14.44 11.95 -27.91
C VAL B 95 -15.89 11.42 -27.87
N ALA B 96 -16.86 12.27 -28.21
CA ALA B 96 -18.30 11.85 -28.19
C ALA B 96 -18.53 10.65 -29.10
N LYS B 97 -17.97 10.66 -30.31
CA LYS B 97 -18.05 9.51 -31.25
C LYS B 97 -17.41 8.27 -30.64
N GLU B 98 -16.27 8.37 -29.98
CA GLU B 98 -15.62 7.19 -29.38
C GLU B 98 -16.43 6.65 -28.21
N VAL B 99 -16.86 7.51 -27.28
CA VAL B 99 -17.67 7.09 -26.12
C VAL B 99 -18.92 6.36 -26.65
N THR B 100 -19.51 6.85 -27.73
CA THR B 100 -20.75 6.25 -28.32
C THR B 100 -20.38 4.87 -28.88
N ARG B 101 -19.32 4.79 -29.68
CA ARG B 101 -18.88 3.51 -30.32
C ARG B 101 -18.60 2.43 -29.28
N LEU B 102 -17.95 2.78 -28.18
CA LEU B 102 -17.49 1.85 -27.13
C LEU B 102 -18.69 1.29 -26.34
N GLY B 103 -19.82 2.00 -26.28
CA GLY B 103 -21.00 1.54 -25.51
C GLY B 103 -20.85 1.63 -24.02
N VAL B 104 -19.88 2.40 -23.51
CA VAL B 104 -19.72 2.62 -22.06
C VAL B 104 -20.95 3.34 -21.54
N ASN B 105 -21.19 3.14 -20.26
CA ASN B 105 -22.23 3.83 -19.49
C ASN B 105 -21.66 5.01 -18.72
N SER B 106 -20.33 5.14 -18.66
CA SER B 106 -19.65 6.23 -17.93
C SER B 106 -18.30 6.53 -18.58
N VAL B 107 -17.80 7.75 -18.36
CA VAL B 107 -16.50 8.24 -18.90
C VAL B 107 -15.97 9.35 -17.98
N ALA B 108 -14.67 9.28 -17.68
CA ALA B 108 -13.89 10.31 -16.95
C ALA B 108 -13.23 11.22 -17.99
N ILE B 109 -13.46 12.51 -17.91
N ILE B 109 -13.49 12.53 -17.92
CA ILE B 109 -12.97 13.48 -18.92
CA ILE B 109 -13.01 13.51 -18.94
C ILE B 109 -12.28 14.66 -18.25
C ILE B 109 -12.30 14.67 -18.25
N PRO B 110 -11.07 15.06 -18.70
CA PRO B 110 -10.42 16.27 -18.24
C PRO B 110 -10.80 17.44 -19.16
N LEU B 111 -10.52 18.68 -18.76
CA LEU B 111 -10.74 19.88 -19.61
C LEU B 111 -9.53 20.07 -20.55
N LEU B 112 -9.69 19.67 -21.80
CA LEU B 112 -8.63 19.72 -22.84
C LEU B 112 -8.15 21.16 -23.01
N SER B 113 -6.83 21.31 -23.20
CA SER B 113 -6.13 22.58 -23.50
C SER B 113 -6.21 23.58 -22.32
N THR B 114 -6.44 23.14 -21.09
CA THR B 114 -6.52 24.07 -19.93
C THR B 114 -5.21 24.07 -19.09
N GLY B 115 -4.28 23.16 -19.37
CA GLY B 115 -2.99 23.04 -18.66
C GLY B 115 -1.85 23.68 -19.44
N VAL B 116 -0.81 22.91 -19.76
CA VAL B 116 0.38 23.43 -20.47
C VAL B 116 0.02 23.80 -21.91
N TYR B 117 -1.10 23.35 -22.48
CA TYR B 117 -1.54 23.80 -23.85
C TYR B 117 -2.39 25.08 -23.83
N SER B 118 -2.66 25.71 -22.69
CA SER B 118 -3.54 26.88 -22.56
C SER B 118 -2.94 28.19 -23.14
N GLY B 119 -1.63 28.24 -23.42
CA GLY B 119 -1.00 29.48 -23.91
C GLY B 119 -1.02 30.51 -22.82
N GLY B 120 -1.00 30.09 -21.55
CA GLY B 120 -1.06 30.98 -20.37
C GLY B 120 -2.40 31.65 -20.10
N LYS B 121 -3.52 31.21 -20.70
CA LYS B 121 -4.84 31.83 -20.48
C LYS B 121 -5.74 30.87 -19.69
N ASP B 122 -6.67 31.42 -18.90
CA ASP B 122 -7.75 30.69 -18.19
C ASP B 122 -8.78 30.24 -19.24
N ARG B 123 -8.85 28.93 -19.53
CA ARG B 123 -9.74 28.42 -20.62
C ARG B 123 -10.85 27.51 -20.05
N LEU B 124 -11.17 27.64 -18.76
CA LEU B 124 -12.16 26.73 -18.12
C LEU B 124 -13.46 26.85 -18.91
N THR B 125 -13.98 28.05 -19.12
CA THR B 125 -15.33 28.26 -19.71
C THR B 125 -15.31 27.77 -21.16
N GLN B 126 -14.30 28.15 -21.90
CA GLN B 126 -14.15 27.73 -23.31
C GLN B 126 -14.13 26.21 -23.39
N SER B 127 -13.27 25.53 -22.64
CA SER B 127 -13.07 24.07 -22.77
C SER B 127 -14.36 23.36 -22.29
N LEU B 128 -14.97 23.86 -21.22
CA LEU B 128 -16.20 23.24 -20.68
C LEU B 128 -17.34 23.41 -21.69
N ASN B 129 -17.42 24.54 -22.36
CA ASN B 129 -18.48 24.79 -23.37
C ASN B 129 -18.34 23.79 -24.55
N HIS B 130 -17.11 23.51 -25.01
CA HIS B 130 -16.92 22.53 -26.10
C HIS B 130 -17.18 21.11 -25.58
N LEU B 131 -16.89 20.83 -24.31
CA LEU B 131 -17.16 19.51 -23.72
C LEU B 131 -18.69 19.28 -23.75
N PHE B 132 -19.48 20.24 -23.26
CA PHE B 132 -20.96 20.15 -23.25
C PHE B 132 -21.49 20.02 -24.69
N THR B 133 -21.01 20.87 -25.61
CA THR B 133 -21.51 20.87 -27.02
C THR B 133 -21.43 19.44 -27.60
N ALA B 134 -20.32 18.77 -27.34
CA ALA B 134 -20.03 17.41 -27.88
C ALA B 134 -20.79 16.35 -27.08
N MET B 135 -20.78 16.43 -25.75
CA MET B 135 -21.20 15.29 -24.91
C MET B 135 -22.71 15.37 -24.61
N ASP B 136 -23.37 16.51 -24.89
CA ASP B 136 -24.79 16.70 -24.50
C ASP B 136 -25.67 15.61 -25.16
N SER B 137 -25.37 15.26 -26.40
CA SER B 137 -26.18 14.27 -27.19
C SER B 137 -25.83 12.81 -26.82
N THR B 138 -24.85 12.52 -25.95
CA THR B 138 -24.47 11.14 -25.57
C THR B 138 -25.27 10.78 -24.31
N ASP B 139 -25.46 9.48 -24.01
CA ASP B 139 -26.19 9.07 -22.80
C ASP B 139 -25.27 8.49 -21.73
N ALA B 140 -23.95 8.56 -21.89
CA ALA B 140 -23.04 8.13 -20.83
C ALA B 140 -23.08 9.10 -19.65
N ASP B 141 -22.89 8.56 -18.44
CA ASP B 141 -22.58 9.39 -17.24
C ASP B 141 -21.18 9.97 -17.45
N VAL B 142 -21.10 11.30 -17.46
CA VAL B 142 -19.81 12.03 -17.66
C VAL B 142 -19.36 12.56 -16.30
N VAL B 143 -18.13 12.21 -15.91
CA VAL B 143 -17.43 12.72 -14.70
C VAL B 143 -16.25 13.55 -15.20
N ILE B 144 -16.33 14.85 -14.96
CA ILE B 144 -15.29 15.86 -15.33
C ILE B 144 -14.28 15.92 -14.17
N TYR B 145 -13.00 15.79 -14.46
CA TYR B 145 -11.91 15.83 -13.44
C TYR B 145 -11.19 17.17 -13.53
N CYS B 146 -10.89 17.76 -12.37
CA CYS B 146 -10.06 18.99 -12.21
C CYS B 146 -9.17 18.84 -10.97
N ARG B 147 -8.24 19.78 -10.78
CA ARG B 147 -7.31 19.76 -9.60
C ARG B 147 -7.55 20.93 -8.65
N ASP B 148 -7.77 22.12 -9.23
CA ASP B 148 -7.92 23.37 -8.45
C ASP B 148 -9.31 23.41 -7.81
N LYS B 149 -9.38 23.90 -6.56
CA LYS B 149 -10.66 24.01 -5.81
C LYS B 149 -11.54 25.11 -6.40
N GLU B 150 -10.99 26.24 -6.90
CA GLU B 150 -11.83 27.32 -7.50
C GLU B 150 -12.42 26.78 -8.81
N TRP B 151 -11.66 25.94 -9.52
CA TRP B 151 -12.14 25.32 -10.79
C TRP B 151 -13.29 24.35 -10.49
N GLU B 152 -13.14 23.46 -9.50
CA GLU B 152 -14.24 22.54 -9.06
C GLU B 152 -15.54 23.32 -8.84
N LYS B 153 -15.46 24.45 -8.11
CA LYS B 153 -16.64 25.27 -7.75
C LYS B 153 -17.27 25.85 -9.04
N LYS B 154 -16.47 26.35 -9.97
CA LYS B 154 -17.01 26.95 -11.22
C LYS B 154 -17.61 25.85 -12.13
N ILE B 155 -16.97 24.70 -12.25
CA ILE B 155 -17.47 23.55 -13.08
C ILE B 155 -18.78 23.05 -12.47
N SER B 156 -18.79 22.84 -11.15
CA SER B 156 -19.98 22.39 -10.38
C SER B 156 -21.12 23.40 -10.60
N GLU B 157 -20.82 24.69 -10.48
CA GLU B 157 -21.81 25.79 -10.69
C GLU B 157 -22.38 25.67 -12.11
N ALA B 158 -21.51 25.54 -13.11
CA ALA B 158 -21.89 25.46 -14.54
C ALA B 158 -22.85 24.26 -14.75
N ILE B 159 -22.59 23.11 -14.13
CA ILE B 159 -23.43 21.88 -14.30
C ILE B 159 -24.82 22.14 -13.72
N GLN B 160 -24.88 22.61 -12.47
CA GLN B 160 -26.14 22.79 -11.69
C GLN B 160 -27.03 23.84 -12.35
N MET B 161 -26.43 24.83 -13.03
CA MET B 161 -27.12 26.00 -13.64
C MET B 161 -28.01 25.55 -14.80
N ARG B 162 -27.70 24.43 -15.46
CA ARG B 162 -28.36 23.99 -16.71
C ARG B 162 -29.57 23.10 -16.39
N THR B 163 -29.66 22.61 -15.15
CA THR B 163 -30.65 21.60 -14.68
C THR B 163 -31.75 22.32 -13.87
N GLY C 1 -6.86 3.97 26.91
CA GLY C 1 -6.66 2.57 26.39
C GLY C 1 -7.52 1.56 27.14
N ALA C 2 -7.97 0.50 26.45
CA ALA C 2 -8.64 -0.66 27.07
C ALA C 2 -7.64 -1.32 28.02
N MET C 3 -8.10 -1.86 29.15
CA MET C 3 -7.23 -2.48 30.20
C MET C 3 -6.53 -3.73 29.64
N ALA C 4 -7.17 -4.45 28.73
CA ALA C 4 -6.59 -5.63 28.05
C ALA C 4 -7.07 -5.56 26.60
N PRO C 5 -6.41 -4.73 25.77
CA PRO C 5 -6.83 -4.51 24.37
C PRO C 5 -7.12 -5.86 23.68
N SER C 6 -8.25 -5.97 22.99
CA SER C 6 -8.71 -7.22 22.32
C SER C 6 -9.16 -6.95 20.87
N TYR C 7 -9.33 -8.06 20.14
CA TYR C 7 -10.05 -8.11 18.87
C TYR C 7 -11.31 -8.94 19.08
N ARG C 8 -12.41 -8.57 18.47
CA ARG C 8 -13.65 -9.39 18.41
C ARG C 8 -14.26 -9.18 17.05
N VAL C 9 -15.13 -10.10 16.63
CA VAL C 9 -15.90 -9.98 15.37
C VAL C 9 -17.39 -10.09 15.69
N LYS C 10 -18.19 -9.28 15.01
CA LYS C 10 -19.68 -9.29 15.10
C LYS C 10 -20.25 -9.38 13.68
N ARG C 11 -21.25 -10.25 13.49
CA ARG C 11 -22.07 -10.32 12.26
C ARG C 11 -23.33 -9.46 12.44
N MET C 12 -23.22 -8.15 12.19
CA MET C 12 -24.38 -7.23 12.25
C MET C 12 -24.05 -5.92 11.52
N ASP C 13 -25.05 -5.05 11.40
CA ASP C 13 -24.95 -3.71 10.78
C ASP C 13 -23.99 -2.88 11.65
N ILE C 14 -22.92 -2.36 11.05
CA ILE C 14 -21.94 -1.49 11.75
C ILE C 14 -22.63 -0.19 12.16
N ALA C 15 -23.77 0.14 11.53
CA ALA C 15 -24.53 1.39 11.84
C ALA C 15 -25.18 1.26 13.22
N LYS C 16 -25.21 0.05 13.80
CA LYS C 16 -25.77 -0.27 15.13
C LYS C 16 -24.67 -0.74 16.10
N ASN C 17 -23.41 -0.33 15.89
CA ASN C 17 -22.27 -0.76 16.73
C ASN C 17 -22.39 -0.21 18.17
N ASP C 18 -21.69 -0.88 19.09
CA ASP C 18 -21.60 -0.55 20.54
C ASP C 18 -20.22 -0.04 20.94
N GLU C 19 -19.49 0.61 20.03
CA GLU C 19 -18.17 1.16 20.31
C GLU C 19 -18.16 2.70 20.30
N GLU C 20 -17.03 3.26 20.69
CA GLU C 20 -16.89 4.74 20.91
C GLU C 20 -16.71 5.51 19.58
N CYS C 21 -16.42 4.83 18.47
CA CYS C 21 -16.30 5.45 17.14
C CYS C 21 -16.44 4.41 16.05
N VAL C 22 -16.65 4.86 14.83
CA VAL C 22 -16.91 3.97 13.67
C VAL C 22 -15.95 4.31 12.53
N VAL C 23 -15.51 3.28 11.82
CA VAL C 23 -14.76 3.44 10.54
C VAL C 23 -15.75 3.26 9.42
N ASN C 24 -15.88 4.28 8.56
CA ASN C 24 -16.67 4.20 7.31
C ASN C 24 -15.77 3.67 6.20
N ALA C 25 -16.28 2.76 5.38
CA ALA C 25 -15.60 2.31 4.14
C ALA C 25 -16.03 3.33 3.06
N ALA C 26 -15.35 4.45 3.06
CA ALA C 26 -15.66 5.70 2.33
C ALA C 26 -15.17 5.65 0.87
N ASN C 27 -15.62 6.64 0.11
CA ASN C 27 -15.16 6.91 -1.28
C ASN C 27 -14.46 8.24 -1.24
N PRO C 28 -13.55 8.48 -2.20
CA PRO C 28 -12.71 9.67 -2.15
C PRO C 28 -13.42 11.04 -2.16
N ARG C 29 -14.63 11.14 -2.70
CA ARG C 29 -15.31 12.48 -2.77
C ARG C 29 -16.47 12.53 -1.76
N GLY C 30 -16.44 11.69 -0.72
CA GLY C 30 -17.31 11.87 0.45
C GLY C 30 -18.79 11.79 0.11
N LEU C 31 -19.16 10.93 -0.86
CA LEU C 31 -20.55 10.65 -1.25
C LEU C 31 -21.16 9.50 -0.45
N PRO C 32 -22.52 9.48 -0.34
CA PRO C 32 -23.25 8.40 0.31
C PRO C 32 -22.84 6.98 -0.11
N GLY C 33 -22.40 6.83 -1.37
CA GLY C 33 -21.77 5.57 -1.85
C GLY C 33 -22.72 4.39 -1.73
N ASP C 34 -22.20 3.20 -1.44
CA ASP C 34 -22.90 1.89 -1.44
C ASP C 34 -22.50 1.08 -0.20
N GLY C 35 -23.23 0.01 0.12
CA GLY C 35 -22.81 -0.92 1.19
C GLY C 35 -22.72 -0.21 2.54
N VAL C 36 -21.63 -0.45 3.29
CA VAL C 36 -21.37 0.15 4.64
C VAL C 36 -21.49 1.67 4.52
N CYS C 37 -20.91 2.27 3.46
CA CYS C 37 -20.88 3.76 3.27
C CYS C 37 -22.31 4.34 3.27
N LYS C 38 -23.27 3.66 2.65
CA LYS C 38 -24.71 4.07 2.61
C LYS C 38 -25.37 4.00 4.01
N ALA C 39 -25.31 2.85 4.69
CA ALA C 39 -25.77 2.66 6.08
C ALA C 39 -25.17 3.73 7.01
N VAL C 40 -23.87 4.04 6.85
CA VAL C 40 -23.15 5.06 7.67
C VAL C 40 -23.78 6.42 7.32
N TYR C 41 -24.02 6.66 6.05
CA TYR C 41 -24.59 7.94 5.56
C TYR C 41 -25.97 8.14 6.20
N LYS C 42 -26.75 7.07 6.31
CA LYS C 42 -28.14 7.10 6.86
C LYS C 42 -28.09 7.37 8.38
N LYS C 43 -27.13 6.75 9.10
CA LYS C 43 -27.01 6.89 10.58
C LYS C 43 -26.35 8.22 10.95
N TRP C 44 -25.30 8.62 10.22
CA TRP C 44 -24.46 9.78 10.57
C TRP C 44 -24.24 10.71 9.38
N PRO C 45 -25.31 11.27 8.78
CA PRO C 45 -25.14 12.11 7.60
C PRO C 45 -24.33 13.39 7.86
N GLU C 46 -24.46 13.97 9.06
CA GLU C 46 -23.68 15.18 9.42
C GLU C 46 -22.16 14.93 9.31
N SER C 47 -21.71 13.67 9.46
CA SER C 47 -20.26 13.32 9.40
C SER C 47 -19.73 13.44 7.95
N PHE C 48 -20.61 13.63 6.95
CA PHE C 48 -20.21 13.72 5.51
C PHE C 48 -19.89 15.14 5.03
N LYS C 49 -19.90 16.11 5.96
CA LYS C 49 -19.49 17.51 5.71
C LYS C 49 -17.96 17.56 5.51
N ASN C 50 -17.53 17.88 4.29
CA ASN C 50 -16.07 17.97 3.95
C ASN C 50 -15.31 16.71 4.40
N SER C 51 -15.89 15.54 4.17
CA SER C 51 -15.28 14.22 4.49
C SER C 51 -14.37 13.74 3.36
N ALA C 52 -14.42 14.40 2.20
CA ALA C 52 -13.61 13.98 1.02
C ALA C 52 -12.17 13.79 1.46
N THR C 53 -11.52 12.69 1.06
CA THR C 53 -10.11 12.42 1.39
C THR C 53 -9.59 11.44 0.33
N PRO C 54 -8.30 11.51 -0.02
CA PRO C 54 -7.74 10.66 -1.09
C PRO C 54 -7.73 9.15 -0.74
N VAL C 55 -7.75 8.33 -1.78
CA VAL C 55 -7.41 6.88 -1.69
C VAL C 55 -6.17 6.71 -0.81
N GLY C 56 -6.23 5.76 0.14
CA GLY C 56 -5.11 5.44 1.03
C GLY C 56 -4.99 6.32 2.25
N THR C 57 -6.00 7.14 2.53
CA THR C 57 -6.04 8.06 3.70
C THR C 57 -7.29 7.83 4.54
N ALA C 58 -7.33 8.48 5.72
CA ALA C 58 -8.57 8.49 6.50
C ALA C 58 -8.74 9.90 7.06
N LYS C 59 -10.01 10.33 7.16
CA LYS C 59 -10.43 11.66 7.65
C LYS C 59 -11.53 11.49 8.70
N THR C 60 -11.33 12.03 9.92
CA THR C 60 -12.39 11.96 10.96
C THR C 60 -13.31 13.18 10.84
N VAL C 61 -14.61 12.95 10.73
CA VAL C 61 -15.63 14.01 10.96
C VAL C 61 -16.60 13.57 12.05
N MET C 62 -16.87 14.49 13.01
N MET C 62 -16.90 14.51 12.96
CA MET C 62 -17.78 14.20 14.15
CA MET C 62 -17.79 14.29 14.12
C MET C 62 -19.23 14.40 13.71
C MET C 62 -19.24 14.40 13.67
N CYS C 63 -20.11 13.49 14.12
CA CYS C 63 -21.57 13.58 13.99
C CYS C 63 -22.06 13.87 15.43
N GLY C 64 -22.30 15.14 15.78
CA GLY C 64 -22.39 15.51 17.22
C GLY C 64 -21.01 15.43 17.86
N THR C 65 -20.83 14.49 18.80
CA THR C 65 -19.51 14.19 19.42
C THR C 65 -19.02 12.78 19.00
N TYR C 66 -19.80 12.07 18.18
CA TYR C 66 -19.52 10.66 17.80
C TYR C 66 -18.59 10.66 16.57
N PRO C 67 -17.32 10.20 16.70
CA PRO C 67 -16.38 10.28 15.59
C PRO C 67 -16.70 9.23 14.52
N VAL C 68 -16.71 9.68 13.27
CA VAL C 68 -16.78 8.80 12.08
C VAL C 68 -15.46 8.96 11.34
N ILE C 69 -14.69 7.86 11.21
CA ILE C 69 -13.37 7.88 10.56
C ILE C 69 -13.59 7.39 9.13
N HIS C 70 -13.55 8.32 8.15
CA HIS C 70 -13.80 7.98 6.74
C HIS C 70 -12.49 7.43 6.15
N ALA C 71 -12.42 6.12 5.92
CA ALA C 71 -11.20 5.45 5.41
C ALA C 71 -11.43 5.00 3.97
N VAL C 72 -10.56 5.50 3.06
CA VAL C 72 -10.76 5.23 1.63
C VAL C 72 -9.76 4.15 1.20
N GLY C 73 -10.25 2.93 1.13
CA GLY C 73 -9.49 1.82 0.55
C GLY C 73 -9.52 1.95 -0.97
N PRO C 74 -8.56 1.31 -1.68
CA PRO C 74 -8.58 1.32 -3.14
C PRO C 74 -9.70 0.46 -3.73
N ASN C 75 -10.17 0.86 -4.92
CA ASN C 75 -11.11 0.05 -5.71
C ASN C 75 -10.27 -0.84 -6.62
N PHE C 76 -10.29 -2.16 -6.37
CA PHE C 76 -9.44 -3.11 -7.13
C PHE C 76 -9.97 -3.37 -8.55
N SER C 77 -11.12 -2.79 -8.92
CA SER C 77 -11.60 -2.79 -10.34
C SER C 77 -10.71 -1.87 -11.18
N ASN C 78 -10.09 -0.87 -10.54
CA ASN C 78 -9.33 0.23 -11.17
C ASN C 78 -7.84 0.13 -10.81
N TYR C 79 -7.53 -0.41 -9.62
CA TYR C 79 -6.12 -0.52 -9.14
C TYR C 79 -5.53 -1.89 -9.47
N THR C 80 -4.27 -1.97 -9.82
CA THR C 80 -3.60 -3.30 -10.00
C THR C 80 -3.49 -3.97 -8.63
N GLU C 81 -3.18 -5.24 -8.59
CA GLU C 81 -2.93 -5.94 -7.30
C GLU C 81 -1.78 -5.32 -6.52
N SER C 82 -0.69 -4.94 -7.20
CA SER C 82 0.49 -4.31 -6.57
C SER C 82 0.14 -2.94 -5.97
N GLU C 83 -0.44 -2.03 -6.78
CA GLU C 83 -0.68 -0.65 -6.32
C GLU C 83 -1.79 -0.70 -5.24
N GLY C 84 -2.81 -1.52 -5.45
CA GLY C 84 -3.91 -1.61 -4.48
C GLY C 84 -3.46 -2.17 -3.17
N ASP C 85 -2.56 -3.14 -3.15
CA ASP C 85 -2.10 -3.71 -1.87
C ASP C 85 -1.46 -2.59 -1.07
N ARG C 86 -0.65 -1.75 -1.66
CA ARG C 86 0.02 -0.66 -0.90
C ARG C 86 -1.03 0.36 -0.37
N GLU C 87 -2.00 0.73 -1.17
CA GLU C 87 -3.01 1.75 -0.76
C GLU C 87 -3.90 1.17 0.38
N LEU C 88 -4.19 -0.12 0.33
CA LEU C 88 -5.05 -0.78 1.37
C LEU C 88 -4.30 -0.73 2.68
N ALA C 89 -3.01 -1.12 2.67
CA ALA C 89 -2.15 -1.04 3.87
C ALA C 89 -2.15 0.39 4.42
N ALA C 90 -2.04 1.41 3.54
CA ALA C 90 -1.90 2.81 3.98
C ALA C 90 -3.21 3.30 4.61
N ALA C 91 -4.36 2.94 4.04
CA ALA C 91 -5.70 3.30 4.57
C ALA C 91 -5.83 2.80 6.01
N TYR C 92 -5.43 1.56 6.27
CA TYR C 92 -5.51 1.03 7.66
C TYR C 92 -4.51 1.74 8.58
N ARG C 93 -3.31 2.07 8.11
N ARG C 93 -3.31 2.08 8.10
CA ARG C 93 -2.34 2.80 8.96
CA ARG C 93 -2.34 2.80 8.96
C ARG C 93 -2.92 4.16 9.35
C ARG C 93 -2.91 4.17 9.35
N GLU C 94 -3.61 4.82 8.44
CA GLU C 94 -4.26 6.12 8.77
C GLU C 94 -5.40 5.92 9.76
N VAL C 95 -6.13 4.81 9.67
CA VAL C 95 -7.21 4.51 10.68
C VAL C 95 -6.55 4.38 12.06
N ALA C 96 -5.42 3.71 12.18
CA ALA C 96 -4.72 3.53 13.47
C ALA C 96 -4.34 4.88 14.04
N LYS C 97 -3.81 5.79 13.21
CA LYS C 97 -3.44 7.16 13.63
C LYS C 97 -4.71 7.91 14.10
N GLU C 98 -5.81 7.81 13.37
CA GLU C 98 -7.05 8.54 13.76
C GLU C 98 -7.61 7.99 15.07
N VAL C 99 -7.60 6.67 15.25
CA VAL C 99 -8.11 6.07 16.51
C VAL C 99 -7.24 6.55 17.67
N THR C 100 -5.92 6.55 17.49
CA THR C 100 -4.94 6.98 18.52
C THR C 100 -5.20 8.45 18.89
N ARG C 101 -5.29 9.31 17.88
CA ARG C 101 -5.48 10.78 18.06
C ARG C 101 -6.77 11.02 18.84
N LEU C 102 -7.85 10.29 18.55
CA LEU C 102 -9.14 10.49 19.25
C LEU C 102 -9.09 10.08 20.73
N GLY C 103 -8.20 9.20 21.15
CA GLY C 103 -8.15 8.73 22.55
C GLY C 103 -9.25 7.74 22.90
N VAL C 104 -9.99 7.20 21.92
CA VAL C 104 -11.12 6.24 22.16
C VAL C 104 -10.59 4.93 22.76
N ASN C 105 -11.43 4.24 23.54
CA ASN C 105 -11.05 2.91 24.08
C ASN C 105 -11.59 1.77 23.22
N SER C 106 -12.40 2.09 22.20
CA SER C 106 -13.01 1.08 21.30
C SER C 106 -13.32 1.68 19.94
N VAL C 107 -13.34 0.83 18.91
CA VAL C 107 -13.61 1.23 17.51
C VAL C 107 -14.30 0.07 16.77
N ALA C 108 -15.31 0.40 15.97
CA ALA C 108 -16.03 -0.52 15.06
C ALA C 108 -15.40 -0.38 13.67
N ILE C 109 -14.88 -1.47 13.10
N ILE C 109 -14.97 -1.48 13.08
CA ILE C 109 -14.14 -1.42 11.79
CA ILE C 109 -14.23 -1.40 11.78
C ILE C 109 -14.71 -2.47 10.86
C ILE C 109 -14.76 -2.47 10.85
N PRO C 110 -15.02 -2.11 9.59
CA PRO C 110 -15.31 -3.09 8.54
C PRO C 110 -14.03 -3.50 7.82
N LEU C 111 -14.09 -4.56 7.01
CA LEU C 111 -12.94 -4.98 6.16
C LEU C 111 -12.95 -4.14 4.87
N LEU C 112 -12.01 -3.20 4.79
CA LEU C 112 -11.86 -2.26 3.66
C LEU C 112 -11.60 -3.06 2.38
N SER C 113 -12.19 -2.60 1.28
CA SER C 113 -11.97 -3.12 -0.08
C SER C 113 -12.42 -4.55 -0.23
N THR C 114 -13.40 -5.06 0.54
CA THR C 114 -13.93 -6.43 0.43
C THR C 114 -15.35 -6.47 -0.19
N GLY C 115 -15.95 -5.32 -0.44
CA GLY C 115 -17.30 -5.24 -1.06
C GLY C 115 -17.22 -4.82 -2.52
N VAL C 116 -17.86 -3.69 -2.86
CA VAL C 116 -17.91 -3.16 -4.26
C VAL C 116 -16.51 -2.78 -4.74
N TYR C 117 -15.55 -2.54 -3.82
CA TYR C 117 -14.16 -2.18 -4.16
C TYR C 117 -13.26 -3.43 -4.28
N SER C 118 -13.82 -4.64 -4.17
CA SER C 118 -13.04 -5.91 -4.18
C SER C 118 -12.59 -6.30 -5.58
N GLY C 119 -13.15 -5.67 -6.63
CA GLY C 119 -12.89 -6.08 -8.02
C GLY C 119 -13.30 -7.51 -8.29
N GLY C 120 -14.28 -8.03 -7.57
CA GLY C 120 -14.82 -9.40 -7.72
C GLY C 120 -14.00 -10.49 -7.04
N LYS C 121 -12.96 -10.19 -6.25
CA LYS C 121 -12.08 -11.22 -5.63
C LYS C 121 -12.46 -11.34 -4.15
N ASP C 122 -12.21 -12.49 -3.54
CA ASP C 122 -12.31 -12.71 -2.08
C ASP C 122 -11.05 -12.08 -1.43
N ARG C 123 -11.20 -10.97 -0.71
CA ARG C 123 -10.05 -10.26 -0.07
C ARG C 123 -10.14 -10.31 1.46
N LEU C 124 -10.78 -11.33 2.04
CA LEU C 124 -10.88 -11.44 3.52
C LEU C 124 -9.50 -11.48 4.17
N THR C 125 -8.63 -12.45 3.79
CA THR C 125 -7.31 -12.61 4.42
C THR C 125 -6.46 -11.36 4.15
N GLN C 126 -6.46 -10.85 2.92
CA GLN C 126 -5.65 -9.66 2.59
C GLN C 126 -6.05 -8.47 3.48
N SER C 127 -7.33 -8.16 3.50
CA SER C 127 -7.85 -6.95 4.22
C SER C 127 -7.61 -7.12 5.72
N LEU C 128 -7.89 -8.32 6.25
CA LEU C 128 -7.74 -8.60 7.69
C LEU C 128 -6.28 -8.53 8.08
N ASN C 129 -5.35 -9.07 7.26
CA ASN C 129 -3.90 -8.95 7.53
C ASN C 129 -3.51 -7.47 7.65
N HIS C 130 -3.92 -6.61 6.71
CA HIS C 130 -3.57 -5.19 6.79
C HIS C 130 -4.18 -4.57 8.06
N LEU C 131 -5.38 -4.98 8.43
CA LEU C 131 -6.06 -4.45 9.65
C LEU C 131 -5.18 -4.72 10.87
N PHE C 132 -4.76 -5.98 11.03
CA PHE C 132 -3.90 -6.40 12.17
C PHE C 132 -2.57 -5.65 12.13
N THR C 133 -1.94 -5.52 10.96
CA THR C 133 -0.62 -4.87 10.82
C THR C 133 -0.70 -3.43 11.37
N ALA C 134 -1.82 -2.74 11.09
CA ALA C 134 -2.01 -1.34 11.54
C ALA C 134 -2.51 -1.28 12.99
N MET C 135 -3.41 -2.15 13.40
CA MET C 135 -4.12 -1.97 14.70
C MET C 135 -3.41 -2.70 15.85
N ASP C 136 -2.43 -3.58 15.58
CA ASP C 136 -1.82 -4.37 16.68
C ASP C 136 -1.12 -3.43 17.65
N SER C 137 -0.57 -2.29 17.20
CA SER C 137 0.19 -1.38 18.11
C SER C 137 -0.74 -0.37 18.79
N THR C 138 -2.05 -0.41 18.55
CA THR C 138 -3.05 0.43 19.26
C THR C 138 -3.56 -0.29 20.49
N ASP C 139 -4.06 0.45 21.48
CA ASP C 139 -4.60 -0.15 22.75
C ASP C 139 -6.13 -0.12 22.74
N ALA C 140 -6.78 0.20 21.65
CA ALA C 140 -8.26 0.25 21.64
C ALA C 140 -8.79 -1.14 21.50
N ASP C 141 -9.96 -1.42 22.07
CA ASP C 141 -10.73 -2.64 21.74
C ASP C 141 -11.20 -2.50 20.29
N VAL C 142 -10.89 -3.46 19.44
CA VAL C 142 -11.27 -3.43 18.02
C VAL C 142 -12.37 -4.44 17.82
N VAL C 143 -13.49 -3.99 17.28
CA VAL C 143 -14.63 -4.89 16.94
C VAL C 143 -14.80 -4.86 15.41
N ILE C 144 -14.60 -6.01 14.77
CA ILE C 144 -14.67 -6.13 13.29
C ILE C 144 -16.10 -6.51 12.92
N TYR C 145 -16.72 -5.79 11.98
CA TYR C 145 -18.12 -6.04 11.56
C TYR C 145 -18.13 -6.73 10.22
N CYS C 146 -18.97 -7.73 10.07
CA CYS C 146 -19.16 -8.44 8.79
C CYS C 146 -20.65 -8.77 8.66
N ARG C 147 -21.04 -9.32 7.50
CA ARG C 147 -22.45 -9.66 7.17
C ARG C 147 -22.60 -11.15 6.90
N ASP C 148 -21.62 -11.80 6.26
CA ASP C 148 -21.73 -13.22 5.84
C ASP C 148 -21.32 -14.16 6.98
N LYS C 149 -22.09 -15.22 7.19
CA LYS C 149 -21.76 -16.23 8.23
C LYS C 149 -20.39 -16.89 8.00
N GLU C 150 -20.01 -17.26 6.76
CA GLU C 150 -18.70 -17.92 6.53
C GLU C 150 -17.55 -16.93 6.81
N TRP C 151 -17.76 -15.65 6.54
CA TRP C 151 -16.79 -14.56 6.85
C TRP C 151 -16.62 -14.44 8.37
N GLU C 152 -17.71 -14.44 9.13
CA GLU C 152 -17.60 -14.37 10.60
C GLU C 152 -16.74 -15.51 11.11
N LYS C 153 -16.96 -16.74 10.63
CA LYS C 153 -16.21 -17.92 11.16
C LYS C 153 -14.71 -17.80 10.84
N LYS C 154 -14.37 -17.41 9.61
CA LYS C 154 -12.95 -17.25 9.16
C LYS C 154 -12.27 -16.10 9.95
N ILE C 155 -12.94 -14.98 10.17
CA ILE C 155 -12.32 -13.87 10.97
C ILE C 155 -12.13 -14.32 12.41
N SER C 156 -13.14 -14.98 12.99
CA SER C 156 -13.06 -15.52 14.36
C SER C 156 -11.86 -16.47 14.48
N GLU C 157 -11.70 -17.41 13.55
CA GLU C 157 -10.57 -18.37 13.53
C GLU C 157 -9.25 -17.61 13.52
N ALA C 158 -9.12 -16.61 12.65
CA ALA C 158 -7.89 -15.79 12.49
C ALA C 158 -7.56 -15.08 13.81
N ILE C 159 -8.55 -14.53 14.50
CA ILE C 159 -8.36 -13.81 15.79
C ILE C 159 -7.87 -14.84 16.83
N GLN C 160 -8.56 -15.96 16.94
CA GLN C 160 -8.29 -17.00 17.96
C GLN C 160 -6.91 -17.62 17.72
N MET C 161 -6.45 -17.72 16.47
CA MET C 161 -5.16 -18.36 16.09
C MET C 161 -3.97 -17.62 16.74
N ARG C 162 -4.11 -16.35 17.11
CA ARG C 162 -2.99 -15.50 17.64
C ARG C 162 -3.08 -15.38 19.16
N THR C 163 -4.10 -16.01 19.79
CA THR C 163 -4.32 -16.01 21.26
C THR C 163 -3.74 -17.31 21.85
N PRO D 5 20.73 4.95 41.58
CA PRO D 5 21.10 3.76 40.79
C PRO D 5 22.41 3.94 40.00
N SER D 6 22.99 2.82 39.56
N SER D 6 23.04 2.82 39.64
CA SER D 6 24.23 2.73 38.75
CA SER D 6 24.22 2.74 38.74
C SER D 6 23.89 2.17 37.36
C SER D 6 23.75 2.29 37.35
N TYR D 7 24.37 2.81 36.29
CA TYR D 7 24.02 2.47 34.89
C TYR D 7 25.22 1.86 34.21
N ARG D 8 24.95 0.81 33.43
CA ARG D 8 25.87 0.15 32.48
C ARG D 8 25.12 -0.04 31.17
N VAL D 9 25.86 -0.21 30.09
CA VAL D 9 25.30 -0.62 28.79
C VAL D 9 25.96 -1.92 28.36
N LYS D 10 25.20 -2.82 27.74
CA LYS D 10 25.71 -4.05 27.10
C LYS D 10 25.17 -4.07 25.68
N ARG D 11 26.01 -4.45 24.72
CA ARG D 11 25.61 -4.73 23.33
C ARG D 11 25.43 -6.25 23.19
N MET D 12 24.22 -6.74 23.49
CA MET D 12 23.87 -8.18 23.48
C MET D 12 22.36 -8.36 23.53
N ASP D 13 21.87 -9.54 23.16
CA ASP D 13 20.44 -9.94 23.25
C ASP D 13 20.01 -9.83 24.72
N ILE D 14 19.02 -8.98 25.00
CA ILE D 14 18.47 -8.81 26.38
C ILE D 14 17.90 -10.16 26.87
N ALA D 15 17.57 -11.08 25.95
CA ALA D 15 17.06 -12.43 26.31
C ALA D 15 18.17 -13.25 27.00
N LYS D 16 19.42 -12.78 26.98
CA LYS D 16 20.55 -13.44 27.68
C LYS D 16 21.13 -12.54 28.78
N ASN D 17 20.32 -11.66 29.37
CA ASN D 17 20.79 -10.75 30.40
C ASN D 17 21.26 -11.48 31.66
N ASP D 18 22.07 -10.80 32.45
CA ASP D 18 22.61 -11.26 33.77
C ASP D 18 21.99 -10.49 34.93
N GLU D 19 20.74 -10.02 34.83
CA GLU D 19 20.12 -9.22 35.91
C GLU D 19 18.92 -9.96 36.53
N GLU D 20 18.40 -9.47 37.66
CA GLU D 20 17.32 -10.17 38.42
C GLU D 20 15.94 -10.10 37.76
N CYS D 21 15.75 -9.24 36.74
CA CYS D 21 14.46 -9.11 36.05
C CYS D 21 14.70 -8.41 34.72
N VAL D 22 13.69 -8.50 33.88
CA VAL D 22 13.83 -7.97 32.50
C VAL D 22 12.62 -7.10 32.20
N VAL D 23 12.87 -6.03 31.45
CA VAL D 23 11.81 -5.15 30.86
C VAL D 23 11.62 -5.55 29.40
N ASN D 24 10.41 -5.97 29.06
CA ASN D 24 10.01 -6.25 27.66
C ASN D 24 9.58 -4.96 26.99
N ALA D 25 10.04 -4.71 25.77
CA ALA D 25 9.49 -3.63 24.90
C ALA D 25 8.23 -4.22 24.24
N ALA D 26 7.13 -4.19 24.97
CA ALA D 26 5.93 -4.95 24.66
C ALA D 26 5.04 -4.22 23.68
N ASN D 27 4.10 -4.96 23.10
CA ASN D 27 2.94 -4.36 22.40
C ASN D 27 1.74 -4.41 23.34
N PRO D 28 0.72 -3.59 23.09
CA PRO D 28 -0.39 -3.53 24.04
C PRO D 28 -1.28 -4.77 24.11
N ARG D 29 -1.17 -5.66 23.12
CA ARG D 29 -2.07 -6.84 22.99
C ARG D 29 -1.44 -8.11 23.61
N GLY D 30 -0.20 -8.03 24.04
CA GLY D 30 0.55 -9.20 24.54
C GLY D 30 0.83 -10.21 23.45
N LEU D 31 1.03 -9.75 22.21
CA LEU D 31 1.38 -10.61 21.05
C LEU D 31 2.88 -10.85 21.04
N PRO D 32 3.37 -11.95 20.41
CA PRO D 32 4.79 -12.24 20.30
C PRO D 32 5.63 -11.10 19.68
N GLY D 33 5.09 -10.41 18.69
CA GLY D 33 5.61 -9.13 18.20
C GLY D 33 6.92 -9.24 17.44
N ASP D 34 7.76 -8.21 17.53
CA ASP D 34 8.98 -8.03 16.71
C ASP D 34 10.14 -7.61 17.64
N GLY D 35 11.38 -7.73 17.16
CA GLY D 35 12.59 -7.27 17.86
C GLY D 35 12.69 -7.86 19.27
N VAL D 36 12.97 -7.00 20.26
CA VAL D 36 13.13 -7.41 21.69
C VAL D 36 11.93 -8.28 22.10
N CYS D 37 10.71 -7.86 21.76
CA CYS D 37 9.47 -8.55 22.19
C CYS D 37 9.49 -10.01 21.72
N LYS D 38 9.88 -10.25 20.47
CA LYS D 38 9.96 -11.62 19.91
C LYS D 38 10.95 -12.44 20.74
N ALA D 39 12.13 -11.88 21.03
CA ALA D 39 13.22 -12.57 21.77
C ALA D 39 12.75 -12.90 23.19
N VAL D 40 12.02 -11.98 23.82
CA VAL D 40 11.43 -12.17 25.15
C VAL D 40 10.39 -13.28 25.04
N TYR D 41 9.59 -13.32 23.96
CA TYR D 41 8.56 -14.37 23.80
C TYR D 41 9.22 -15.77 23.68
N LYS D 42 10.34 -15.86 22.96
CA LYS D 42 11.04 -17.16 22.77
C LYS D 42 11.68 -17.60 24.11
N LYS D 43 12.18 -16.66 24.92
CA LYS D 43 12.91 -16.99 26.18
C LYS D 43 11.96 -17.23 27.34
N TRP D 44 10.92 -16.42 27.48
CA TRP D 44 9.98 -16.45 28.63
C TRP D 44 8.54 -16.47 28.13
N PRO D 45 8.12 -17.45 27.30
CA PRO D 45 6.75 -17.42 26.77
C PRO D 45 5.67 -17.48 27.86
N GLU D 46 5.95 -18.11 29.02
CA GLU D 46 4.94 -18.20 30.09
C GLU D 46 4.58 -16.81 30.58
N SER D 47 5.48 -15.82 30.42
CA SER D 47 5.24 -14.46 30.96
C SER D 47 4.22 -13.70 30.09
N PHE D 48 3.74 -14.28 28.98
CA PHE D 48 2.72 -13.62 28.13
C PHE D 48 1.28 -13.98 28.51
N LYS D 49 1.10 -14.73 29.60
CA LYS D 49 -0.27 -15.02 30.11
C LYS D 49 -0.87 -13.72 30.64
N ASN D 50 -1.91 -13.20 29.98
CA ASN D 50 -2.60 -11.97 30.41
C ASN D 50 -1.60 -10.81 30.57
N SER D 51 -0.66 -10.68 29.62
CA SER D 51 0.34 -9.58 29.60
C SER D 51 -0.22 -8.32 28.93
N ALA D 52 -1.32 -8.41 28.20
CA ALA D 52 -1.92 -7.24 27.48
C ALA D 52 -2.13 -6.11 28.49
N THR D 53 -1.77 -4.88 28.08
CA THR D 53 -1.83 -3.67 28.96
C THR D 53 -1.79 -2.45 28.05
N PRO D 54 -2.37 -1.31 28.46
CA PRO D 54 -2.44 -0.17 27.57
C PRO D 54 -1.08 0.52 27.35
N VAL D 55 -1.02 1.33 26.31
CA VAL D 55 0.16 2.22 26.05
C VAL D 55 0.43 3.08 27.29
N GLY D 56 1.69 3.23 27.65
CA GLY D 56 2.12 4.06 28.80
C GLY D 56 2.04 3.34 30.13
N THR D 57 1.82 2.01 30.13
CA THR D 57 1.70 1.19 31.37
C THR D 57 2.72 0.07 31.35
N ALA D 58 2.96 -0.51 32.53
CA ALA D 58 3.82 -1.71 32.66
C ALA D 58 3.02 -2.78 33.43
N LYS D 59 3.13 -4.02 33.03
CA LYS D 59 2.45 -5.13 33.72
C LYS D 59 3.49 -6.24 33.90
N THR D 60 3.73 -6.64 35.15
CA THR D 60 4.73 -7.67 35.51
C THR D 60 4.07 -9.05 35.56
N VAL D 61 4.60 -9.98 34.78
CA VAL D 61 4.17 -11.40 34.78
C VAL D 61 5.42 -12.24 35.02
N MET D 62 5.34 -13.17 35.96
N MET D 62 5.31 -13.19 35.94
CA MET D 62 6.47 -14.06 36.33
CA MET D 62 6.45 -14.08 36.33
C MET D 62 6.59 -15.21 35.33
C MET D 62 6.59 -15.22 35.32
N CYS D 63 7.83 -15.57 34.96
CA CYS D 63 8.16 -16.80 34.21
C CYS D 63 8.89 -17.67 35.24
N GLY D 64 8.19 -18.62 35.87
CA GLY D 64 8.75 -19.23 37.09
C GLY D 64 8.79 -18.19 38.20
N THR D 65 9.97 -17.84 38.72
CA THR D 65 10.14 -16.76 39.69
C THR D 65 10.84 -15.54 39.05
N TYR D 66 11.13 -15.58 37.75
CA TYR D 66 11.85 -14.51 37.04
C TYR D 66 10.83 -13.48 36.54
N PRO D 67 10.85 -12.22 37.04
CA PRO D 67 9.85 -11.25 36.63
C PRO D 67 10.15 -10.66 35.23
N VAL D 68 9.11 -10.59 34.43
CA VAL D 68 9.18 -9.94 33.09
C VAL D 68 8.23 -8.73 33.22
N ILE D 69 8.78 -7.53 33.09
CA ILE D 69 7.99 -6.28 33.26
C ILE D 69 7.63 -5.86 31.82
N HIS D 70 6.41 -6.11 31.39
CA HIS D 70 5.98 -5.76 30.00
C HIS D 70 5.65 -4.26 29.96
N ALA D 71 6.50 -3.45 29.31
CA ALA D 71 6.31 -1.97 29.29
C ALA D 71 5.90 -1.56 27.86
N VAL D 72 4.78 -0.87 27.72
CA VAL D 72 4.22 -0.57 26.39
C VAL D 72 4.55 0.90 26.02
N GLY D 73 5.61 1.08 25.28
CA GLY D 73 5.97 2.41 24.75
C GLY D 73 5.03 2.72 23.59
N PRO D 74 4.85 4.01 23.24
CA PRO D 74 4.00 4.39 22.15
C PRO D 74 4.63 4.09 20.79
N ASN D 75 3.78 3.77 19.83
CA ASN D 75 4.16 3.69 18.41
C ASN D 75 4.04 5.08 17.78
N PHE D 76 5.19 5.69 17.50
CA PHE D 76 5.21 7.08 16.98
C PHE D 76 4.72 7.11 15.53
N SER D 77 4.52 6.01 14.85
CA SER D 77 3.67 6.02 13.64
C SER D 77 2.24 6.46 13.97
N ASN D 78 1.73 6.22 15.17
CA ASN D 78 0.31 6.44 15.51
C ASN D 78 0.14 7.72 16.30
N TYR D 79 1.10 8.04 17.19
CA TYR D 79 1.04 9.14 18.15
C TYR D 79 1.72 10.37 17.50
N THR D 80 1.19 11.55 17.80
CA THR D 80 1.96 12.81 17.61
C THR D 80 3.22 12.81 18.44
N GLU D 81 4.17 13.65 18.08
CA GLU D 81 5.37 13.78 18.96
C GLU D 81 4.99 14.18 20.37
N SER D 82 4.05 15.12 20.51
CA SER D 82 3.64 15.66 21.84
C SER D 82 3.04 14.53 22.69
N GLU D 83 1.99 13.87 22.18
CA GLU D 83 1.26 12.84 22.98
C GLU D 83 2.17 11.63 23.22
N GLY D 84 2.94 11.24 22.22
CA GLY D 84 3.92 10.13 22.31
C GLY D 84 4.98 10.39 23.35
N ASP D 85 5.48 11.63 23.42
CA ASP D 85 6.52 11.96 24.44
C ASP D 85 5.96 11.71 25.84
N ARG D 86 4.70 12.06 26.08
CA ARG D 86 4.05 11.90 27.41
C ARG D 86 3.92 10.39 27.71
N GLU D 87 3.53 9.59 26.72
CA GLU D 87 3.29 8.13 26.93
C GLU D 87 4.62 7.40 27.13
N LEU D 88 5.70 7.85 26.49
CA LEU D 88 7.05 7.25 26.64
C LEU D 88 7.53 7.53 28.08
N ALA D 89 7.41 8.77 28.55
CA ALA D 89 7.68 9.16 29.95
C ALA D 89 6.91 8.23 30.90
N ALA D 90 5.61 8.03 30.66
CA ALA D 90 4.70 7.26 31.55
C ALA D 90 5.13 5.79 31.59
N ALA D 91 5.45 5.19 30.45
CA ALA D 91 5.87 3.77 30.39
C ALA D 91 7.08 3.57 31.32
N TYR D 92 8.09 4.42 31.24
CA TYR D 92 9.32 4.32 32.07
C TYR D 92 8.99 4.58 33.56
N ARG D 93 8.16 5.56 33.88
CA ARG D 93 7.68 5.82 35.27
C ARG D 93 7.06 4.55 35.86
N GLU D 94 6.20 3.87 35.09
CA GLU D 94 5.55 2.62 35.55
C GLU D 94 6.58 1.47 35.72
N VAL D 95 7.58 1.38 34.85
CA VAL D 95 8.72 0.43 34.99
C VAL D 95 9.43 0.69 36.32
N ALA D 96 9.80 1.94 36.61
CA ALA D 96 10.52 2.29 37.86
C ALA D 96 9.68 1.86 39.06
N LYS D 97 8.37 2.11 39.03
CA LYS D 97 7.44 1.74 40.13
C LYS D 97 7.49 0.21 40.33
N GLU D 98 7.44 -0.57 39.25
CA GLU D 98 7.50 -2.06 39.37
C GLU D 98 8.88 -2.50 39.91
N VAL D 99 9.97 -1.91 39.44
CA VAL D 99 11.33 -2.31 39.90
C VAL D 99 11.41 -2.12 41.42
N THR D 100 10.95 -0.97 41.93
CA THR D 100 10.95 -0.63 43.38
C THR D 100 10.08 -1.66 44.11
N ARG D 101 8.83 -1.86 43.66
CA ARG D 101 7.85 -2.77 44.30
C ARG D 101 8.44 -4.18 44.38
N LEU D 102 9.13 -4.64 43.34
CA LEU D 102 9.68 -6.02 43.28
C LEU D 102 10.88 -6.18 44.22
N GLY D 103 11.50 -5.08 44.63
CA GLY D 103 12.69 -5.06 45.50
C GLY D 103 13.89 -5.74 44.89
N VAL D 104 14.00 -5.78 43.57
CA VAL D 104 15.16 -6.39 42.88
C VAL D 104 16.41 -5.52 43.08
N ASN D 105 17.57 -6.13 42.91
CA ASN D 105 18.88 -5.45 42.98
C ASN D 105 19.34 -4.95 41.61
N SER D 106 18.83 -5.55 40.52
CA SER D 106 19.26 -5.25 39.13
C SER D 106 18.10 -5.45 38.17
N VAL D 107 18.15 -4.75 37.04
CA VAL D 107 17.12 -4.82 35.97
C VAL D 107 17.81 -4.60 34.62
N ALA D 108 17.45 -5.44 33.64
CA ALA D 108 17.84 -5.34 32.24
C ALA D 108 16.73 -4.55 31.54
N ILE D 109 17.08 -3.49 30.82
N ILE D 109 17.07 -3.46 30.85
CA ILE D 109 16.08 -2.56 30.21
CA ILE D 109 16.07 -2.56 30.19
C ILE D 109 16.52 -2.21 28.79
C ILE D 109 16.53 -2.26 28.77
N PRO D 110 15.61 -2.31 27.79
CA PRO D 110 15.89 -1.83 26.44
C PRO D 110 15.40 -0.38 26.27
N LEU D 111 15.80 0.28 25.17
CA LEU D 111 15.34 1.68 24.89
C LEU D 111 13.99 1.58 24.19
N LEU D 112 12.93 1.85 24.95
CA LEU D 112 11.54 1.74 24.45
C LEU D 112 11.33 2.69 23.28
N SER D 113 10.54 2.27 22.31
CA SER D 113 10.06 3.08 21.15
C SER D 113 11.23 3.46 20.22
N THR D 114 12.35 2.76 20.25
CA THR D 114 13.51 3.10 19.36
C THR D 114 13.64 2.18 18.17
N GLY D 115 12.85 1.11 18.13
CA GLY D 115 12.81 0.13 17.02
C GLY D 115 11.66 0.41 16.09
N VAL D 116 10.83 -0.61 15.83
CA VAL D 116 9.66 -0.50 14.90
C VAL D 116 8.68 0.56 15.39
N TYR D 117 8.67 0.94 16.68
CA TYR D 117 7.76 1.99 17.22
C TYR D 117 8.38 3.40 17.09
N SER D 118 9.53 3.53 16.42
CA SER D 118 10.24 4.84 16.32
C SER D 118 9.61 5.79 15.29
N GLY D 119 8.70 5.36 14.44
CA GLY D 119 8.10 6.21 13.40
C GLY D 119 9.19 6.64 12.40
N GLY D 120 10.25 5.83 12.27
CA GLY D 120 11.35 6.02 11.29
C GLY D 120 12.41 7.02 11.75
N LYS D 121 12.36 7.47 12.99
CA LYS D 121 13.22 8.52 13.55
C LYS D 121 14.20 7.93 14.55
N ASP D 122 15.36 8.57 14.68
CA ASP D 122 16.37 8.21 15.69
C ASP D 122 15.92 8.78 17.03
N ARG D 123 15.57 7.90 17.99
CA ARG D 123 15.04 8.27 19.32
C ARG D 123 15.97 7.83 20.45
N LEU D 124 17.26 7.60 20.20
CA LEU D 124 18.23 7.25 21.27
C LEU D 124 18.19 8.25 22.41
N THR D 125 18.47 9.56 22.17
CA THR D 125 18.53 10.59 23.25
C THR D 125 17.18 10.70 23.97
N GLN D 126 16.09 10.77 23.23
CA GLN D 126 14.73 10.94 23.80
C GLN D 126 14.44 9.76 24.75
N SER D 127 14.61 8.54 24.23
CA SER D 127 14.30 7.32 25.06
C SER D 127 15.22 7.19 26.28
N LEU D 128 16.54 7.38 26.10
CA LEU D 128 17.52 7.35 27.22
C LEU D 128 17.23 8.43 28.23
N ASN D 129 16.79 9.62 27.82
CA ASN D 129 16.53 10.69 28.79
C ASN D 129 15.33 10.33 29.66
N HIS D 130 14.27 9.76 29.10
CA HIS D 130 13.08 9.35 29.90
C HIS D 130 13.49 8.19 30.85
N LEU D 131 14.31 7.26 30.34
CA LEU D 131 14.84 6.11 31.15
C LEU D 131 15.57 6.67 32.38
N PHE D 132 16.54 7.57 32.22
CA PHE D 132 17.32 8.14 33.34
C PHE D 132 16.35 8.81 34.33
N THR D 133 15.42 9.63 33.81
CA THR D 133 14.49 10.39 34.68
C THR D 133 13.73 9.47 35.61
N ALA D 134 13.18 8.38 35.07
CA ALA D 134 12.35 7.42 35.82
C ALA D 134 13.22 6.57 36.76
N MET D 135 14.30 6.02 36.23
CA MET D 135 15.10 4.99 36.95
C MET D 135 15.95 5.65 38.04
N ASP D 136 16.23 6.96 37.94
CA ASP D 136 16.99 7.69 39.00
C ASP D 136 16.26 7.61 40.34
N SER D 137 14.93 7.39 40.32
CA SER D 137 14.10 7.25 41.54
C SER D 137 14.23 5.87 42.17
N THR D 138 14.94 4.91 41.55
CA THR D 138 15.16 3.53 42.10
C THR D 138 16.54 3.39 42.77
N ASP D 139 16.80 2.30 43.46
CA ASP D 139 18.20 2.05 43.93
C ASP D 139 18.78 0.80 43.28
N ALA D 140 18.30 0.40 42.11
CA ALA D 140 18.76 -0.83 41.44
C ALA D 140 19.89 -0.52 40.49
N ASP D 141 20.76 -1.52 40.27
CA ASP D 141 21.73 -1.52 39.15
C ASP D 141 20.93 -1.64 37.85
N VAL D 142 21.04 -0.64 36.97
CA VAL D 142 20.32 -0.65 35.67
C VAL D 142 21.32 -1.01 34.59
N VAL D 143 21.00 -2.03 33.82
CA VAL D 143 21.82 -2.45 32.68
C VAL D 143 20.99 -2.26 31.43
N ILE D 144 21.41 -1.31 30.59
CA ILE D 144 20.72 -0.94 29.33
C ILE D 144 21.24 -1.85 28.21
N TYR D 145 20.34 -2.44 27.43
CA TYR D 145 20.67 -3.38 26.33
C TYR D 145 20.45 -2.68 24.99
N CYS D 146 21.40 -2.83 24.05
CA CYS D 146 21.32 -2.36 22.64
C CYS D 146 21.99 -3.40 21.73
N ARG D 147 21.86 -3.24 20.41
CA ARG D 147 22.41 -4.21 19.42
C ARG D 147 23.44 -3.53 18.53
N ASP D 148 23.43 -2.21 18.40
CA ASP D 148 24.25 -1.47 17.38
C ASP D 148 25.47 -0.83 18.04
N LYS D 149 26.66 -0.84 17.40
CA LYS D 149 27.91 -0.33 18.06
C LYS D 149 27.88 1.19 18.27
N GLU D 150 27.41 1.95 17.28
CA GLU D 150 27.35 3.42 17.44
C GLU D 150 26.42 3.75 18.61
N TRP D 151 25.29 3.01 18.71
CA TRP D 151 24.31 3.20 19.80
C TRP D 151 24.96 2.86 21.15
N GLU D 152 25.73 1.76 21.24
CA GLU D 152 26.50 1.40 22.46
C GLU D 152 27.41 2.57 22.86
N LYS D 153 28.19 3.09 21.91
CA LYS D 153 29.16 4.17 22.26
C LYS D 153 28.39 5.38 22.83
N LYS D 154 27.30 5.73 22.14
CA LYS D 154 26.49 6.93 22.46
C LYS D 154 25.87 6.76 23.85
N ILE D 155 25.29 5.58 24.16
CA ILE D 155 24.69 5.31 25.50
C ILE D 155 25.79 5.42 26.58
N SER D 156 26.94 4.78 26.34
CA SER D 156 28.11 4.80 27.25
C SER D 156 28.55 6.25 27.52
N GLU D 157 28.75 7.04 26.45
CA GLU D 157 29.07 8.49 26.54
C GLU D 157 28.03 9.19 27.42
N ALA D 158 26.73 8.96 27.18
CA ALA D 158 25.63 9.59 27.93
C ALA D 158 25.76 9.26 29.43
N ILE D 159 26.05 8.00 29.77
CA ILE D 159 26.24 7.56 31.18
C ILE D 159 27.44 8.30 31.75
N GLN D 160 28.57 8.30 31.02
CA GLN D 160 29.85 8.95 31.42
C GLN D 160 29.59 10.43 31.73
N MET D 161 28.87 11.13 30.85
CA MET D 161 28.66 12.60 30.94
C MET D 161 27.89 12.97 32.22
N ARG D 162 27.02 12.09 32.72
CA ARG D 162 26.17 12.34 33.92
C ARG D 162 27.01 12.26 35.20
N THR D 163 28.22 11.71 35.13
CA THR D 163 29.11 11.46 36.29
C THR D 163 30.08 12.63 36.47
S DMS E . 6.56 3.51 -4.66
O DMS E . 6.76 2.23 -3.87
C1 DMS E . 7.16 3.27 -6.29
C2 DMS E . 7.86 4.61 -4.12
S DMS F . 20.81 -7.25 -12.22
O DMS F . 21.17 -6.72 -10.82
C1 DMS F . 20.57 -9.00 -12.13
C2 DMS F . 22.28 -7.33 -13.18
C TRS G . 22.72 -24.30 -7.77
C1 TRS G . 21.39 -24.53 -8.47
C2 TRS G . 22.54 -23.66 -6.38
C3 TRS G . 23.48 -25.63 -7.65
N TRS G . 23.56 -23.33 -8.58
O1 TRS G . 21.56 -25.07 -9.78
O2 TRS G . 21.83 -24.48 -5.47
O3 TRS G . 24.86 -25.47 -7.34
S DMS H . 6.75 -16.45 1.50
O DMS H . 6.01 -16.83 0.23
C1 DMS H . 7.88 -15.23 1.03
C2 DMS H . 7.97 -17.72 1.77
S DMS I . 1.18 -11.37 -27.15
O DMS I . 0.21 -11.10 -26.12
C1 DMS I . 0.98 -10.05 -28.37
C2 DMS I . 0.64 -12.80 -28.07
CL CL J . 20.03 -9.81 -17.12
CL CL K . 6.44 1.67 -19.27
O01 XJV L . 16.79 -5.85 -17.24
C02 XJV L . 16.49 -7.01 -17.52
N03 XJV L . 16.72 -8.07 -16.76
C04 XJV L . 16.27 -9.31 -17.38
C05 XJV L . 15.67 -8.84 -18.69
N06 XJV L . 15.89 -7.39 -18.65
N1 W3S M . 13.63 -7.15 -23.36
N3 W3S M . 15.81 -7.49 -23.68
C4 W3S M . 18.04 -7.24 -24.42
C5 W3S M . 17.12 -7.93 -23.70
N W3S M . 14.62 -9.06 -22.35
C W3S M . 14.65 -7.95 -23.07
C1 W3S M . 15.40 -6.34 -24.36
N2 W3S M . 14.11 -6.12 -24.18
C3 W3S M . 17.66 -6.08 -25.13
C2 W3S M . 16.37 -5.64 -25.11
C MPB N . 11.42 -3.92 -17.41
O1 MPB N . 10.41 -4.01 -16.78
O2 MPB N . 11.74 -4.72 -18.42
CM MPB N . 10.62 -5.30 -19.13
C1 MPB N . 12.49 -2.92 -17.13
C2 MPB N . 13.65 -2.88 -17.89
C3 MPB N . 14.62 -1.93 -17.66
C4 MPB N . 14.46 -1.01 -16.65
C5 MPB N . 13.30 -1.03 -15.87
C6 MPB N . 12.34 -1.98 -16.11
O4 MPB N . 15.41 -0.05 -16.43
S DMS O . 7.18 1.15 -23.74
O DMS O . 8.35 0.45 -23.01
C1 DMS O . 5.95 1.59 -22.52
C2 DMS O . 7.72 2.80 -24.16
S DMS P . 2.90 -2.38 3.06
O DMS P . 2.16 -2.79 1.78
C1 DMS P . 3.66 -0.82 2.69
C2 DMS P . 4.38 -3.35 3.17
O01 XJV Q . -3.02 18.01 -17.97
C02 XJV Q . -4.15 18.50 -18.03
N03 XJV Q . -4.81 19.03 -17.00
C04 XJV Q . -6.09 19.59 -17.39
C05 XJV Q . -6.13 19.32 -18.89
N06 XJV Q . -4.87 18.64 -19.14
S DMS R . 0.36 17.29 -22.36
O DMS R . 1.26 16.23 -22.96
C1 DMS R . -1.11 17.45 -23.39
C2 DMS R . 1.14 18.76 -22.90
CL CL S . -3.29 20.85 -21.53
C MPB T . -6.51 15.92 -13.05
O1 MPB T . -7.28 16.04 -12.13
O2 MPB T . -6.87 16.04 -14.32
CM MPB T . -7.98 15.23 -14.74
C1 MPB T . -5.07 15.56 -12.90
C2 MPB T . -4.72 14.31 -12.44
C3 MPB T . -3.39 13.92 -12.37
C4 MPB T . -2.40 14.80 -12.77
C5 MPB T . -2.75 16.07 -13.23
C6 MPB T . -4.07 16.43 -13.29
O4 MPB T . -1.09 14.42 -12.72
N1 W3S U . -7.99 21.51 -13.39
N3 W3S U . -6.84 23.11 -14.42
C4 W3S U . -5.39 24.93 -14.82
C5 W3S U . -6.24 23.99 -15.30
N W3S U . -8.24 21.73 -15.75
C W3S U . -7.73 22.07 -14.57
C1 W3S U . -6.59 23.15 -13.04
N2 W3S U . -7.26 22.21 -12.42
C3 W3S U . -5.13 25.01 -13.44
C2 W3S U . -5.71 24.14 -12.56
S DMS V . -17.45 -3.44 2.82
O DMS V . -16.54 -2.27 3.05
C1 DMS V . -17.76 -4.21 4.39
C2 DMS V . -19.06 -2.84 2.43
CL CL W . -7.85 10.40 -4.60
CL CL X . -15.75 -1.97 -0.34
S DMS Y . -31.39 8.07 11.89
O DMS Y . -30.17 8.95 11.56
C1 DMS Y . -30.78 6.47 12.24
C2 DMS Y . -32.17 7.70 10.31
S DMS Z . -17.65 2.42 -1.45
O DMS Z . -16.57 2.65 -0.39
C1 DMS Z . -18.77 3.79 -1.36
C2 DMS Z . -18.73 1.16 -0.81
S DMS AA . -16.00 -12.01 -3.53
O DMS AA . -16.04 -12.71 -2.20
C1 DMS AA . -17.61 -11.30 -3.77
C2 DMS AA . -16.11 -13.30 -4.76
N1 W3S BA . -18.59 -9.23 5.37
N3 W3S BA . -18.00 -9.30 3.22
C4 W3S BA . -17.86 -9.93 0.95
C5 W3S BA . -17.46 -9.12 1.96
N W3S BA . -16.95 -7.68 4.61
C W3S BA . -17.82 -8.68 4.44
C1 W3S BA . -18.95 -10.29 3.48
N2 W3S BA . -19.31 -10.26 4.76
C3 W3S BA . -18.81 -10.94 1.18
C2 W3S BA . -19.35 -11.13 2.42
C TRS CA . -2.85 5.95 29.71
C1 TRS CA . -4.28 6.47 29.62
C2 TRS CA . -1.92 7.05 30.19
C3 TRS CA . -2.76 4.74 30.63
N TRS CA . -2.41 5.55 28.32
O1 TRS CA . -4.42 7.46 28.60
O2 TRS CA . -0.58 6.58 30.32
O3 TRS CA . -3.96 3.99 30.71
S DMS DA . 14.37 -21.37 25.83
O DMS DA . 15.30 -20.17 25.81
C1 DMS DA . 13.62 -21.45 24.22
C2 DMS DA . 12.95 -20.88 26.77
S DMS EA . 6.91 -4.38 18.96
O DMS EA . 6.45 -5.75 19.44
C1 DMS EA . 8.60 -4.53 18.49
C2 DMS EA . 7.15 -3.36 20.41
S DMS FA . 3.12 -9.80 40.18
O DMS FA . 4.53 -9.29 40.34
C1 DMS FA . 3.16 -10.98 38.86
C2 DMS FA . 2.23 -8.52 39.33
CL CL GA . 10.25 -0.44 19.53
O01 XJV HA . 13.64 -4.21 19.28
C02 XJV HA . 13.64 -3.30 20.09
N03 XJV HA . 12.56 -2.80 20.69
C04 XJV HA . 12.87 -1.70 21.59
C05 XJV HA . 14.39 -1.59 21.48
N06 XJV HA . 14.72 -2.63 20.52
C MPB IA . 18.30 -5.72 22.00
O1 MPB IA . 19.23 -5.81 22.77
O2 MPB IA . 17.73 -4.57 21.67
CM MPB IA . 17.96 -3.47 22.57
C1 MPB IA . 17.66 -6.87 21.33
C2 MPB IA . 17.53 -8.09 21.98
C3 MPB IA . 16.95 -9.17 21.34
C4 MPB IA . 16.50 -9.05 20.03
C5 MPB IA . 16.63 -7.84 19.38
C6 MPB IA . 17.19 -6.76 20.02
O4 MPB IA . 15.95 -10.12 19.40
N1 W3S JA . 19.50 -0.62 19.83
N3 W3S JA . 18.31 0.50 18.33
C4 W3S JA . 17.61 1.51 16.31
C5 W3S JA . 17.38 1.22 17.61
N W3S JA . 17.42 0.28 20.53
C W3S JA . 18.38 0.05 19.63
C1 W3S JA . 19.50 0.07 17.76
N2 W3S JA . 20.21 -0.61 18.64
C3 W3S JA . 18.81 1.07 15.71
C2 W3S JA . 19.73 0.36 16.40
#